data_7ROT
#
_entry.id   7ROT
#
_cell.length_a   138.188
_cell.length_b   47.679
_cell.length_c   140.630
_cell.angle_alpha   90.000
_cell.angle_beta   94.455
_cell.angle_gamma   90.000
#
_symmetry.space_group_name_H-M   'C 1 2 1'
#
loop_
_entity.id
_entity.type
_entity.pdbx_description
1 polymer 'Tyrosine--tRNA ligase'
2 non-polymer '{(2R,3S,4R,5R)-5-[4-amino-3-(difluoromethoxy)-1H-pyrazolo[3,4-d]pyrimidin-1-yl]-3,4-dihydroxyoxolan-2-yl}methyl [(2S)-2-amino-3-(4-hydroxyphenyl)propanoyl]sulfamate (non-preferred name)'
3 non-polymer 'MAGNESIUM ION'
4 non-polymer 'CHLORIDE ION'
5 water water
#
_entity_poly.entity_id   1
_entity_poly.type   'polypeptide(L)'
_entity_poly.pdbx_seq_one_letter_code
;GETTDTKREEQEIEEKKAQEESKIEDVDKILNDILSISSECIQPDELRVKLLLKRKLICYDGFEPSGRMHIAQGLLKSII
VNKLTSNGCTFIFWIADWFAHLNNKMSGDLKKIKKVGSYFIEVWKSCGMNMENVQFLWASEEINKKPNEYWSLVLDISRS
FNINRMKRCLKIMGRSEGEENYCSQILYPCMQCADIFFLNVDICQLGIDQRKVNMLAREYCDIKKIKKKPVILCHGMLPG
LLEGQEKMSKSDENSAIFMDDSESDVNRKIKKAYCPPNVIENNPIYAYAKSIIFPSYNEFNLVRKEKNGGDKTYYTLQEL
EHDYVNGFIHPLDLKDNVAMYINKLLQPVRDHFQNNIEAKNLLNEIKKYKVTK
;
_entity_poly.pdbx_strand_id   A,B
#
# COMPACT_ATOMS: atom_id res chain seq x y z
N LYS A 17 -54.33 -8.57 20.69
CA LYS A 17 -53.10 -8.59 19.89
C LYS A 17 -52.05 -7.68 20.52
N ALA A 18 -51.94 -6.45 20.02
CA ALA A 18 -51.00 -5.45 20.52
C ALA A 18 -49.57 -5.97 20.49
N GLN A 19 -49.25 -6.84 19.52
CA GLN A 19 -47.90 -7.38 19.39
C GLN A 19 -47.00 -6.48 18.55
N GLU A 20 -47.57 -5.60 17.72
CA GLU A 20 -46.76 -4.63 17.00
C GLU A 20 -46.22 -3.56 17.93
N GLU A 21 -47.04 -3.12 18.90
CA GLU A 21 -46.60 -2.08 19.82
C GLU A 21 -45.39 -2.54 20.64
N SER A 22 -45.31 -3.82 20.97
CA SER A 22 -44.16 -4.36 21.67
C SER A 22 -42.94 -4.51 20.77
N LYS A 23 -43.11 -4.40 19.45
CA LYS A 23 -41.96 -4.48 18.55
C LYS A 23 -41.17 -3.19 18.53
N ILE A 24 -41.86 -2.04 18.46
CA ILE A 24 -41.17 -0.76 18.61
C ILE A 24 -40.60 -0.63 20.01
N GLU A 25 -41.28 -1.20 21.02
CA GLU A 25 -40.74 -1.25 22.37
C GLU A 25 -39.35 -1.87 22.38
N ASP A 26 -39.20 -3.04 21.76
CA ASP A 26 -37.91 -3.73 21.76
C ASP A 26 -36.86 -2.91 21.00
N VAL A 27 -37.22 -2.41 19.81
CA VAL A 27 -36.24 -1.69 19.00
C VAL A 27 -35.81 -0.40 19.69
N ASP A 28 -36.77 0.39 20.16
CA ASP A 28 -36.43 1.65 20.81
C ASP A 28 -35.68 1.43 22.11
N LYS A 29 -35.88 0.27 22.76
CA LYS A 29 -35.10 -0.05 23.94
C LYS A 29 -33.65 -0.36 23.57
N ILE A 30 -33.44 -1.14 22.51
CA ILE A 30 -32.07 -1.41 22.08
C ILE A 30 -31.41 -0.14 21.57
N LEU A 31 -32.16 0.69 20.82
CA LEU A 31 -31.65 1.98 20.38
C LEU A 31 -31.11 2.79 21.55
N ASN A 32 -31.89 2.90 22.63
CA ASN A 32 -31.48 3.73 23.76
C ASN A 32 -30.25 3.15 24.45
N ASP A 33 -30.17 1.83 24.58
CA ASP A 33 -29.02 1.21 25.21
C ASP A 33 -27.75 1.44 24.39
N ILE A 34 -27.85 1.31 23.06
CA ILE A 34 -26.67 1.44 22.20
C ILE A 34 -26.24 2.91 22.10
N LEU A 35 -27.20 3.83 21.98
CA LEU A 35 -26.86 5.24 21.84
C LEU A 35 -26.23 5.82 23.10
N SER A 36 -26.41 5.17 24.25
CA SER A 36 -25.79 5.65 25.48
C SER A 36 -24.27 5.49 25.47
N ILE A 37 -23.71 4.71 24.54
CA ILE A 37 -22.27 4.48 24.51
C ILE A 37 -21.54 5.70 24.00
N SER A 38 -22.06 6.30 22.93
CA SER A 38 -21.41 7.44 22.27
C SER A 38 -22.12 8.73 22.63
N SER A 39 -21.35 9.82 22.66
CA SER A 39 -21.94 11.14 22.82
C SER A 39 -22.40 11.74 21.49
N GLU A 40 -21.86 11.25 20.37
CA GLU A 40 -22.27 11.71 19.04
C GLU A 40 -22.22 10.50 18.10
N CYS A 41 -23.31 9.74 18.08
CA CYS A 41 -23.48 8.65 17.12
C CYS A 41 -23.78 9.23 15.74
N ILE A 42 -23.08 8.73 14.72
CA ILE A 42 -23.29 9.26 13.38
C ILE A 42 -24.61 8.73 12.83
N GLN A 43 -25.65 9.55 12.97
CA GLN A 43 -27.02 9.32 12.53
C GLN A 43 -27.64 8.16 13.30
N PRO A 44 -28.32 8.43 14.41
CA PRO A 44 -29.05 7.36 15.11
C PRO A 44 -30.15 6.75 14.27
N ASP A 45 -30.75 7.52 13.35
CA ASP A 45 -31.81 6.99 12.50
C ASP A 45 -31.31 5.85 11.61
N GLU A 46 -30.05 5.90 11.18
CA GLU A 46 -29.51 4.79 10.41
C GLU A 46 -29.36 3.54 11.28
N LEU A 47 -29.05 3.73 12.56
CA LEU A 47 -28.92 2.60 13.47
C LEU A 47 -30.25 1.88 13.64
N ARG A 48 -31.35 2.63 13.70
CA ARG A 48 -32.67 2.02 13.80
C ARG A 48 -33.00 1.23 12.54
N VAL A 49 -32.53 1.70 11.39
CA VAL A 49 -32.77 0.99 10.14
C VAL A 49 -31.97 -0.31 10.10
N LYS A 50 -30.74 -0.28 10.59
CA LYS A 50 -29.95 -1.51 10.65
C LYS A 50 -30.57 -2.54 11.58
N LEU A 51 -31.08 -2.10 12.74
CA LEU A 51 -31.70 -3.05 13.66
C LEU A 51 -32.97 -3.67 13.08
N LEU A 52 -33.70 -2.93 12.25
CA LEU A 52 -34.90 -3.51 11.65
C LEU A 52 -34.56 -4.48 10.53
N LEU A 53 -33.40 -4.28 9.87
CA LEU A 53 -32.98 -5.22 8.84
C LEU A 53 -32.53 -6.55 9.45
N LYS A 54 -31.74 -6.49 10.52
CA LYS A 54 -31.32 -7.70 11.24
C LYS A 54 -30.92 -7.31 12.65
N ARG A 55 -31.18 -8.22 13.59
CA ARG A 55 -30.83 -7.96 14.98
C ARG A 55 -29.34 -8.19 15.26
N LYS A 56 -28.70 -9.10 14.54
CA LYS A 56 -27.30 -9.47 14.80
C LYS A 56 -26.38 -8.54 14.00
N LEU A 57 -26.26 -7.31 14.49
CA LEU A 57 -25.31 -6.37 13.91
C LEU A 57 -23.88 -6.76 14.27
N ILE A 58 -22.94 -6.32 13.44
CA ILE A 58 -21.53 -6.63 13.65
C ILE A 58 -20.84 -5.35 14.08
N CYS A 59 -20.30 -5.36 15.30
CA CYS A 59 -19.51 -4.26 15.83
C CYS A 59 -18.05 -4.68 15.91
N TYR A 60 -17.15 -3.70 15.83
CA TYR A 60 -15.74 -4.03 15.99
C TYR A 60 -14.98 -2.88 16.60
N ASP A 61 -13.85 -3.23 17.19
CA ASP A 61 -12.83 -2.30 17.65
C ASP A 61 -11.50 -2.92 17.29
N GLY A 62 -10.48 -2.10 17.14
CA GLY A 62 -9.17 -2.55 16.68
C GLY A 62 -8.07 -2.07 17.61
N PHE A 63 -7.06 -2.92 17.81
CA PHE A 63 -6.05 -2.71 18.84
C PHE A 63 -4.67 -3.01 18.30
N GLU A 64 -3.74 -2.07 18.46
CA GLU A 64 -2.35 -2.29 18.11
C GLU A 64 -1.65 -2.98 19.27
N PRO A 65 -1.14 -4.21 19.09
CA PRO A 65 -0.38 -4.85 20.18
C PRO A 65 0.95 -4.15 20.38
N SER A 66 0.94 -3.04 21.15
CA SER A 66 2.12 -2.19 21.28
C SER A 66 2.70 -2.19 22.70
N GLY A 67 2.19 -3.01 23.59
CA GLY A 67 2.70 -3.03 24.96
C GLY A 67 1.60 -3.45 25.91
N ARG A 68 1.74 -3.01 27.17
CA ARG A 68 0.74 -3.32 28.18
C ARG A 68 -0.60 -2.66 27.84
N MET A 69 -1.69 -3.29 28.25
CA MET A 69 -3.02 -2.85 27.86
C MET A 69 -3.49 -1.71 28.75
N HIS A 70 -3.85 -0.59 28.13
CA HIS A 70 -4.52 0.50 28.84
C HIS A 70 -5.83 0.02 29.43
N ILE A 71 -6.20 0.54 30.61
CA ILE A 71 -7.44 0.06 31.21
C ILE A 71 -8.66 0.51 30.41
N ALA A 72 -8.51 1.54 29.56
CA ALA A 72 -9.60 1.91 28.67
C ALA A 72 -9.91 0.79 27.68
N GLN A 73 -8.89 0.03 27.28
CA GLN A 73 -9.06 -1.06 26.32
C GLN A 73 -9.51 -2.35 26.98
N GLY A 74 -9.53 -2.40 28.31
CA GLY A 74 -9.93 -3.60 29.03
C GLY A 74 -11.16 -3.40 29.89
N LEU A 75 -11.06 -2.60 30.96
CA LEU A 75 -12.21 -2.41 31.85
C LEU A 75 -13.30 -1.59 31.17
N LEU A 76 -12.92 -0.50 30.49
CA LEU A 76 -13.93 0.31 29.81
C LEU A 76 -14.54 -0.44 28.63
N LYS A 77 -13.71 -1.11 27.84
CA LYS A 77 -14.21 -1.87 26.69
C LYS A 77 -15.23 -2.92 27.13
N SER A 78 -14.97 -3.60 28.26
CA SER A 78 -15.87 -4.64 28.73
C SER A 78 -17.26 -4.08 29.02
N ILE A 79 -17.32 -2.87 29.57
CA ILE A 79 -18.60 -2.23 29.84
C ILE A 79 -19.36 -2.01 28.53
N ILE A 80 -18.64 -1.56 27.50
CA ILE A 80 -19.28 -1.27 26.22
C ILE A 80 -19.68 -2.55 25.49
N VAL A 81 -18.80 -3.55 25.46
CA VAL A 81 -19.05 -4.75 24.68
C VAL A 81 -20.25 -5.52 25.22
N ASN A 82 -20.31 -5.69 26.55
CA ASN A 82 -21.41 -6.47 27.13
C ASN A 82 -22.75 -5.77 26.94
N LYS A 83 -22.76 -4.44 26.92
CA LYS A 83 -24.00 -3.72 26.60
C LYS A 83 -24.47 -4.08 25.19
N LEU A 84 -23.56 -4.12 24.22
CA LEU A 84 -23.94 -4.40 22.85
C LEU A 84 -24.30 -5.87 22.65
N THR A 85 -23.44 -6.77 23.14
CA THR A 85 -23.66 -8.20 22.90
C THR A 85 -24.91 -8.72 23.60
N SER A 86 -25.24 -8.18 24.77
CA SER A 86 -26.44 -8.64 25.46
C SER A 86 -27.70 -8.33 24.66
N ASN A 87 -27.62 -7.40 23.71
CA ASN A 87 -28.73 -7.07 22.83
C ASN A 87 -28.68 -7.82 21.50
N GLY A 88 -27.92 -8.90 21.43
CA GLY A 88 -27.90 -9.74 20.25
C GLY A 88 -26.82 -9.42 19.22
N CYS A 89 -26.00 -8.41 19.46
CA CYS A 89 -24.96 -8.04 18.50
C CYS A 89 -23.74 -8.94 18.64
N THR A 90 -22.93 -8.95 17.58
CA THR A 90 -21.62 -9.57 17.57
C THR A 90 -20.57 -8.47 17.65
N PHE A 91 -19.50 -8.73 18.41
CA PHE A 91 -18.40 -7.78 18.52
C PHE A 91 -17.10 -8.45 18.09
N ILE A 92 -16.37 -7.80 17.20
CA ILE A 92 -15.10 -8.29 16.71
C ILE A 92 -13.98 -7.50 17.37
N PHE A 93 -13.04 -8.20 17.99
CA PHE A 93 -11.78 -7.61 18.44
C PHE A 93 -10.77 -7.79 17.32
N TRP A 94 -10.37 -6.68 16.71
CA TRP A 94 -9.45 -6.69 15.57
C TRP A 94 -8.05 -6.49 16.12
N ILE A 95 -7.31 -7.59 16.25
CA ILE A 95 -5.96 -7.53 16.76
C ILE A 95 -5.07 -7.06 15.62
N ALA A 96 -4.74 -5.78 15.61
CA ALA A 96 -4.16 -5.13 14.44
C ALA A 96 -2.63 -5.27 14.48
N ASP A 97 -2.17 -6.51 14.30
CA ASP A 97 -0.75 -6.81 14.41
C ASP A 97 0.06 -6.14 13.31
N TRP A 98 -0.40 -6.24 12.06
CA TRP A 98 0.33 -5.60 10.96
C TRP A 98 0.34 -4.09 11.10
N PHE A 99 -0.73 -3.52 11.65
CA PHE A 99 -0.76 -2.07 11.86
C PHE A 99 0.25 -1.64 12.91
N ALA A 100 0.42 -2.44 13.97
CA ALA A 100 1.43 -2.13 14.98
C ALA A 100 2.83 -2.15 14.39
N HIS A 101 3.10 -3.10 13.48
CA HIS A 101 4.38 -3.16 12.80
C HIS A 101 4.57 -1.94 11.89
N LEU A 102 3.53 -1.60 11.13
CA LEU A 102 3.58 -0.45 10.25
C LEU A 102 3.81 0.84 11.02
N ASN A 103 3.29 0.93 12.24
CA ASN A 103 3.40 2.12 13.09
C ASN A 103 4.65 2.11 13.98
N ASN A 104 5.60 1.21 13.73
CA ASN A 104 6.89 1.17 14.44
C ASN A 104 6.72 0.90 15.93
N LYS A 105 5.76 0.04 16.28
CA LYS A 105 5.59 -0.33 17.67
C LYS A 105 6.40 -1.58 17.97
N MET A 106 6.91 -1.67 19.21
CA MET A 106 7.71 -2.82 19.64
C MET A 106 8.93 -3.00 18.74
N SER A 107 9.53 -1.89 18.31
CA SER A 107 10.62 -1.85 17.33
C SER A 107 10.26 -2.55 16.03
N GLY A 108 8.97 -2.59 15.68
CA GLY A 108 8.54 -3.27 14.48
C GLY A 108 8.67 -4.77 14.50
N ASP A 109 9.11 -5.35 15.62
CA ASP A 109 9.34 -6.78 15.73
C ASP A 109 8.02 -7.53 15.71
N LEU A 110 7.78 -8.30 14.65
CA LEU A 110 6.49 -8.98 14.50
C LEU A 110 6.33 -10.13 15.50
N LYS A 111 7.43 -10.75 15.92
CA LYS A 111 7.33 -11.84 16.89
C LYS A 111 6.89 -11.34 18.27
N LYS A 112 7.32 -10.14 18.64
CA LYS A 112 6.91 -9.55 19.91
C LYS A 112 5.51 -8.97 19.83
N ILE A 113 5.12 -8.46 18.66
CA ILE A 113 3.76 -8.00 18.45
C ILE A 113 2.77 -9.14 18.60
N LYS A 114 3.04 -10.29 17.99
CA LYS A 114 2.17 -11.44 18.17
C LYS A 114 2.08 -11.84 19.64
N LYS A 115 3.20 -11.77 20.37
CA LYS A 115 3.20 -12.11 21.79
C LYS A 115 2.27 -11.17 22.57
N VAL A 116 2.36 -9.86 22.31
CA VAL A 116 1.48 -8.93 22.99
C VAL A 116 0.02 -9.21 22.62
N GLY A 117 -0.23 -9.52 21.36
CA GLY A 117 -1.59 -9.85 20.95
C GLY A 117 -2.18 -11.02 21.71
N SER A 118 -1.37 -12.07 21.92
CA SER A 118 -1.84 -13.20 22.72
C SER A 118 -2.12 -12.78 24.16
N TYR A 119 -1.29 -11.89 24.71
CA TYR A 119 -1.55 -11.38 26.05
C TYR A 119 -2.82 -10.54 26.10
N PHE A 120 -3.09 -9.77 25.05
CA PHE A 120 -4.34 -9.01 25.02
C PHE A 120 -5.55 -9.93 25.11
N ILE A 121 -5.52 -11.04 24.37
CA ILE A 121 -6.64 -11.99 24.39
C ILE A 121 -6.83 -12.55 25.79
N GLU A 122 -5.73 -12.87 26.48
CA GLU A 122 -5.84 -13.46 27.81
C GLU A 122 -6.42 -12.47 28.82
N VAL A 123 -6.09 -11.18 28.68
CA VAL A 123 -6.70 -10.17 29.54
C VAL A 123 -8.19 -10.06 29.24
N TRP A 124 -8.55 -10.00 27.95
CA TRP A 124 -9.95 -9.80 27.58
C TRP A 124 -10.82 -10.97 28.02
N LYS A 125 -10.31 -12.20 27.89
CA LYS A 125 -11.11 -13.35 28.30
C LYS A 125 -11.29 -13.42 29.80
N SER A 126 -10.46 -12.72 30.58
CA SER A 126 -10.54 -12.74 32.03
C SER A 126 -11.16 -11.48 32.63
N CYS A 127 -11.46 -10.46 31.83
CA CYS A 127 -12.12 -9.26 32.33
C CYS A 127 -13.49 -9.05 31.68
N GLY A 128 -14.18 -10.14 31.36
CA GLY A 128 -15.57 -10.08 30.95
C GLY A 128 -15.87 -10.27 29.48
N MET A 129 -14.95 -10.85 28.71
CA MET A 129 -15.16 -11.04 27.27
C MET A 129 -14.93 -12.48 26.84
N ASN A 130 -15.07 -13.42 27.77
CA ASN A 130 -15.08 -14.85 27.42
C ASN A 130 -16.52 -15.24 27.14
N MET A 131 -16.95 -14.96 25.91
CA MET A 131 -18.34 -15.15 25.55
C MET A 131 -18.46 -15.47 24.07
N GLU A 132 -19.58 -16.08 23.71
CA GLU A 132 -19.78 -16.59 22.35
C GLU A 132 -19.87 -15.46 21.33
N ASN A 133 -20.45 -14.33 21.71
CA ASN A 133 -20.70 -13.24 20.76
C ASN A 133 -19.50 -12.33 20.56
N VAL A 134 -18.33 -12.70 21.08
CA VAL A 134 -17.10 -11.94 20.90
C VAL A 134 -16.12 -12.80 20.10
N GLN A 135 -15.51 -12.22 19.08
CA GLN A 135 -14.52 -12.90 18.26
C GLN A 135 -13.19 -12.15 18.32
N PHE A 136 -12.09 -12.90 18.45
CA PHE A 136 -10.76 -12.33 18.42
C PHE A 136 -10.12 -12.66 17.06
N LEU A 137 -10.01 -11.66 16.20
CA LEU A 137 -9.48 -11.82 14.86
C LEU A 137 -8.14 -11.11 14.72
N TRP A 138 -7.19 -11.79 14.09
CA TRP A 138 -5.87 -11.24 13.81
C TRP A 138 -5.83 -10.64 12.41
N ALA A 139 -5.37 -9.40 12.30
CA ALA A 139 -5.38 -8.70 11.02
C ALA A 139 -4.63 -9.48 9.94
N SER A 140 -3.36 -9.81 10.21
CA SER A 140 -2.54 -10.48 9.20
C SER A 140 -3.15 -11.80 8.79
N GLU A 141 -3.72 -12.54 9.75
CA GLU A 141 -4.32 -13.83 9.45
C GLU A 141 -5.54 -13.68 8.54
N GLU A 142 -6.42 -12.73 8.86
CA GLU A 142 -7.64 -12.57 8.07
C GLU A 142 -7.35 -12.00 6.69
N ILE A 143 -6.44 -11.03 6.62
CA ILE A 143 -6.10 -10.45 5.31
C ILE A 143 -5.53 -11.53 4.40
N ASN A 144 -4.65 -12.38 4.92
CA ASN A 144 -4.04 -13.41 4.09
C ASN A 144 -5.01 -14.52 3.70
N LYS A 145 -6.19 -14.58 4.31
CA LYS A 145 -7.18 -15.55 3.86
C LYS A 145 -7.85 -15.10 2.57
N LYS A 146 -8.06 -13.79 2.41
CA LYS A 146 -8.69 -13.22 1.22
C LYS A 146 -7.87 -12.02 0.76
N PRO A 147 -6.63 -12.26 0.31
CA PRO A 147 -5.73 -11.13 0.04
C PRO A 147 -6.10 -10.35 -1.22
N ASN A 148 -6.67 -11.01 -2.22
CA ASN A 148 -7.09 -10.30 -3.43
C ASN A 148 -8.19 -9.30 -3.10
N GLU A 149 -9.20 -9.72 -2.34
CA GLU A 149 -10.30 -8.82 -2.01
C GLU A 149 -9.84 -7.68 -1.11
N TYR A 150 -9.00 -7.98 -0.12
CA TYR A 150 -8.58 -6.95 0.81
C TYR A 150 -7.71 -5.89 0.14
N TRP A 151 -6.67 -6.33 -0.56
CA TRP A 151 -5.73 -5.36 -1.12
C TRP A 151 -6.34 -4.61 -2.32
N SER A 152 -7.21 -5.27 -3.09
CA SER A 152 -7.96 -4.54 -4.12
C SER A 152 -8.77 -3.41 -3.50
N LEU A 153 -9.33 -3.64 -2.32
CA LEU A 153 -10.09 -2.59 -1.63
C LEU A 153 -9.18 -1.49 -1.13
N VAL A 154 -8.05 -1.85 -0.52
CA VAL A 154 -7.06 -0.84 -0.12
C VAL A 154 -6.67 0.02 -1.32
N LEU A 155 -6.40 -0.61 -2.47
CA LEU A 155 -5.98 0.15 -3.64
C LEU A 155 -7.09 1.06 -4.15
N ASP A 156 -8.33 0.56 -4.20
CA ASP A 156 -9.45 1.37 -4.66
C ASP A 156 -9.69 2.57 -3.74
N ILE A 157 -9.54 2.38 -2.43
CA ILE A 157 -9.65 3.50 -1.51
C ILE A 157 -8.57 4.54 -1.80
N SER A 158 -7.34 4.09 -2.07
CA SER A 158 -6.25 5.04 -2.31
C SER A 158 -6.48 5.86 -3.58
N ARG A 159 -7.22 5.29 -4.55
CA ARG A 159 -7.53 6.01 -5.78
C ARG A 159 -8.58 7.11 -5.59
N SER A 160 -9.29 7.10 -4.45
CA SER A 160 -10.47 7.94 -4.27
C SER A 160 -10.23 9.20 -3.46
N PHE A 161 -9.14 9.26 -2.71
CA PHE A 161 -8.82 10.41 -1.87
C PHE A 161 -7.41 10.89 -2.18
N ASN A 162 -7.17 12.18 -1.98
CA ASN A 162 -5.85 12.74 -2.24
C ASN A 162 -5.00 12.69 -0.97
N ILE A 163 -3.79 13.26 -1.04
CA ILE A 163 -2.85 13.15 0.07
C ILE A 163 -3.31 13.98 1.25
N ASN A 164 -3.69 15.23 1.00
CA ASN A 164 -4.11 16.10 2.10
C ASN A 164 -5.33 15.53 2.81
N ARG A 165 -6.27 14.95 2.07
CA ARG A 165 -7.46 14.37 2.69
C ARG A 165 -7.09 13.21 3.60
N MET A 166 -6.11 12.40 3.19
CA MET A 166 -5.71 11.24 3.99
C MET A 166 -4.85 11.64 5.18
N LYS A 167 -4.03 12.69 5.05
CA LYS A 167 -3.20 13.14 6.16
C LYS A 167 -4.02 13.69 7.31
N ARG A 168 -5.32 13.96 7.11
CA ARG A 168 -6.16 14.38 8.22
C ARG A 168 -6.39 13.23 9.20
N CYS A 169 -6.30 11.99 8.73
CA CYS A 169 -6.50 10.81 9.57
C CYS A 169 -5.25 10.44 10.38
N LEU A 170 -4.25 11.32 10.46
CA LEU A 170 -3.03 11.01 11.19
C LEU A 170 -3.28 10.69 12.64
N LYS A 171 -4.36 11.22 13.23
CA LYS A 171 -4.63 11.03 14.65
C LYS A 171 -4.90 9.57 14.99
N ILE A 172 -5.43 8.78 14.05
CA ILE A 172 -5.74 7.39 14.36
C ILE A 172 -4.47 6.59 14.69
N MET A 173 -3.30 7.09 14.27
CA MET A 173 -2.02 6.46 14.53
C MET A 173 -1.28 7.08 15.71
N GLY A 174 -1.82 8.13 16.30
CA GLY A 174 -1.10 8.85 17.35
C GLY A 174 0.03 9.72 16.84
N ARG A 175 -0.07 10.20 15.60
CA ARG A 175 0.95 11.03 14.98
C ARG A 175 0.43 12.46 14.81
N SER A 176 1.26 13.30 14.19
CA SER A 176 0.88 14.67 13.89
C SER A 176 1.49 15.08 12.57
N GLU A 177 1.08 16.26 12.08
CA GLU A 177 1.60 16.76 10.81
C GLU A 177 2.94 17.46 10.98
N GLY A 178 3.28 17.90 12.19
CA GLY A 178 4.54 18.58 12.41
C GLY A 178 5.76 17.69 12.36
N GLU A 179 5.57 16.38 12.53
CA GLU A 179 6.69 15.45 12.51
C GLU A 179 6.92 14.93 11.09
N GLU A 180 7.95 14.10 10.94
CA GLU A 180 8.26 13.50 9.64
C GLU A 180 7.15 12.55 9.24
N ASN A 181 6.56 12.79 8.06
CA ASN A 181 5.40 12.05 7.59
C ASN A 181 5.84 10.97 6.61
N TYR A 182 5.91 9.73 7.09
CA TYR A 182 6.33 8.61 6.26
C TYR A 182 5.16 8.09 5.42
N CYS A 183 5.51 7.32 4.38
CA CYS A 183 4.49 6.78 3.49
C CYS A 183 3.60 5.77 4.19
N SER A 184 4.11 5.13 5.25
CA SER A 184 3.29 4.26 6.07
C SER A 184 2.11 4.99 6.67
N GLN A 185 2.25 6.31 6.88
CA GLN A 185 1.16 7.12 7.41
C GLN A 185 0.06 7.38 6.39
N ILE A 186 0.29 7.04 5.13
CA ILE A 186 -0.74 7.07 4.11
C ILE A 186 -1.36 5.69 3.91
N LEU A 187 -0.52 4.66 3.92
CA LEU A 187 -1.02 3.29 3.79
C LEU A 187 -1.89 2.87 4.96
N TYR A 188 -1.51 3.26 6.18
CA TYR A 188 -2.22 2.84 7.38
C TYR A 188 -3.70 3.21 7.35
N PRO A 189 -4.09 4.48 7.17
CA PRO A 189 -5.54 4.77 7.14
C PRO A 189 -6.25 4.19 5.94
N CYS A 190 -5.54 3.91 4.84
CA CYS A 190 -6.16 3.19 3.73
C CYS A 190 -6.55 1.78 4.14
N MET A 191 -5.66 1.10 4.87
CA MET A 191 -5.95 -0.25 5.33
C MET A 191 -7.00 -0.27 6.45
N GLN A 192 -6.95 0.68 7.39
CA GLN A 192 -7.98 0.70 8.43
C GLN A 192 -9.35 0.96 7.82
N CYS A 193 -9.42 1.86 6.83
CA CYS A 193 -10.69 2.12 6.14
C CYS A 193 -11.18 0.86 5.44
N ALA A 194 -10.27 0.10 4.81
CA ALA A 194 -10.65 -1.14 4.16
C ALA A 194 -11.18 -2.18 5.15
N ASP A 195 -10.63 -2.21 6.38
CA ASP A 195 -11.06 -3.17 7.38
C ASP A 195 -12.56 -3.09 7.64
N ILE A 196 -13.11 -1.88 7.61
CA ILE A 196 -14.52 -1.68 7.91
C ILE A 196 -15.37 -2.45 6.92
N PHE A 197 -15.00 -2.41 5.63
CA PHE A 197 -15.74 -3.13 4.62
C PHE A 197 -15.36 -4.61 4.57
N PHE A 198 -14.07 -4.90 4.72
CA PHE A 198 -13.58 -6.27 4.71
C PHE A 198 -14.27 -7.12 5.77
N LEU A 199 -14.54 -6.55 6.94
CA LEU A 199 -15.18 -7.28 8.02
C LEU A 199 -16.70 -7.15 8.02
N ASN A 200 -17.28 -6.50 7.02
CA ASN A 200 -18.73 -6.32 6.92
C ASN A 200 -19.27 -5.68 8.21
N VAL A 201 -18.55 -4.68 8.70
CA VAL A 201 -18.90 -4.04 9.97
C VAL A 201 -20.16 -3.21 9.81
N ASP A 202 -21.10 -3.38 10.74
CA ASP A 202 -22.28 -2.52 10.86
C ASP A 202 -22.00 -1.30 11.74
N ILE A 203 -21.27 -1.48 12.84
CA ILE A 203 -21.07 -0.44 13.84
C ILE A 203 -19.58 -0.33 14.15
N CYS A 204 -19.00 0.83 13.88
CA CYS A 204 -17.61 1.10 14.24
C CYS A 204 -17.60 1.67 15.64
N GLN A 205 -17.17 0.87 16.61
CA GLN A 205 -17.20 1.24 18.01
C GLN A 205 -15.76 1.36 18.51
N LEU A 206 -15.17 2.52 18.25
CA LEU A 206 -13.80 2.82 18.66
C LEU A 206 -13.79 4.18 19.36
N GLY A 207 -12.66 4.50 19.98
CA GLY A 207 -12.52 5.81 20.60
C GLY A 207 -12.60 6.93 19.59
N ILE A 208 -12.99 8.12 20.07
CA ILE A 208 -13.15 9.25 19.16
C ILE A 208 -11.86 9.65 18.48
N ASP A 209 -10.70 9.17 18.96
CA ASP A 209 -9.45 9.46 18.26
C ASP A 209 -9.35 8.70 16.95
N GLN A 210 -10.22 7.72 16.71
CA GLN A 210 -10.29 6.95 15.48
C GLN A 210 -11.38 7.43 14.54
N ARG A 211 -12.05 8.54 14.88
CA ARG A 211 -13.28 8.89 14.18
C ARG A 211 -13.03 9.39 12.76
N LYS A 212 -11.91 10.06 12.52
CA LYS A 212 -11.69 10.67 11.21
C LYS A 212 -11.57 9.63 10.12
N VAL A 213 -10.94 8.48 10.40
CA VAL A 213 -10.87 7.44 9.40
C VAL A 213 -12.22 6.75 9.21
N ASN A 214 -13.08 6.76 10.22
CA ASN A 214 -14.40 6.17 10.06
C ASN A 214 -15.32 7.07 9.23
N MET A 215 -15.20 8.39 9.43
CA MET A 215 -15.88 9.34 8.55
C MET A 215 -15.42 9.20 7.11
N LEU A 216 -14.13 8.88 6.90
CA LEU A 216 -13.62 8.64 5.55
C LEU A 216 -14.30 7.45 4.91
N ALA A 217 -14.58 6.41 5.69
CA ALA A 217 -15.24 5.22 5.16
C ALA A 217 -16.64 5.55 4.68
N ARG A 218 -17.32 6.46 5.37
CA ARG A 218 -18.66 6.87 4.94
C ARG A 218 -18.58 7.76 3.70
N GLU A 219 -17.53 8.57 3.58
CA GLU A 219 -17.31 9.29 2.32
C GLU A 219 -17.07 8.31 1.18
N TYR A 220 -16.31 7.24 1.44
CA TYR A 220 -16.03 6.26 0.39
C TYR A 220 -17.32 5.57 -0.08
N CYS A 221 -18.27 5.35 0.83
CA CYS A 221 -19.55 4.77 0.43
C CYS A 221 -20.29 5.68 -0.54
N ASP A 222 -20.28 6.99 -0.29
CA ASP A 222 -20.99 7.90 -1.17
C ASP A 222 -20.29 8.04 -2.53
N ILE A 223 -18.96 7.96 -2.54
CA ILE A 223 -18.23 7.98 -3.80
C ILE A 223 -18.55 6.73 -4.61
N LYS A 224 -18.49 5.56 -3.96
CA LYS A 224 -18.73 4.29 -4.64
C LYS A 224 -20.20 3.95 -4.77
N LYS A 225 -21.11 4.82 -4.33
CA LYS A 225 -22.55 4.56 -4.34
C LYS A 225 -22.91 3.28 -3.60
N ILE A 226 -22.20 3.04 -2.49
CA ILE A 226 -22.49 1.88 -1.63
C ILE A 226 -23.55 2.30 -0.63
N LYS A 227 -24.70 1.62 -0.65
CA LYS A 227 -25.82 2.01 0.20
C LYS A 227 -25.63 1.56 1.65
N LYS A 228 -25.05 0.39 1.86
CA LYS A 228 -24.78 -0.10 3.21
C LYS A 228 -23.64 0.71 3.80
N LYS A 229 -23.96 1.66 4.68
CA LYS A 229 -23.00 2.55 5.30
C LYS A 229 -22.80 2.20 6.77
N PRO A 230 -21.57 2.26 7.28
CA PRO A 230 -21.36 1.95 8.70
C PRO A 230 -21.84 3.07 9.60
N VAL A 231 -22.34 2.67 10.77
CA VAL A 231 -22.69 3.60 11.83
C VAL A 231 -21.48 3.77 12.73
N ILE A 232 -21.14 5.02 13.04
CA ILE A 232 -19.99 5.34 13.89
C ILE A 232 -20.48 5.59 15.30
N LEU A 233 -20.02 4.78 16.24
CA LEU A 233 -20.44 4.81 17.63
C LEU A 233 -19.19 4.99 18.49
N CYS A 234 -18.64 6.21 18.48
CA CYS A 234 -17.36 6.47 19.13
C CYS A 234 -17.55 6.80 20.61
N HIS A 235 -16.77 6.13 21.46
CA HIS A 235 -16.79 6.39 22.89
C HIS A 235 -15.75 7.45 23.25
N GLY A 236 -16.00 8.12 24.38
CA GLY A 236 -15.11 9.20 24.80
C GLY A 236 -13.76 8.68 25.26
N MET A 237 -12.75 9.53 25.09
CA MET A 237 -11.39 9.21 25.52
C MET A 237 -11.23 9.49 27.01
N LEU A 238 -10.71 8.53 27.73
CA LEU A 238 -10.29 8.75 29.12
C LEU A 238 -9.06 9.64 29.12
N PRO A 239 -9.08 10.79 29.80
CA PRO A 239 -7.88 11.63 29.84
C PRO A 239 -6.72 10.94 30.55
N GLY A 240 -5.52 11.41 30.26
CA GLY A 240 -4.34 10.83 30.87
C GLY A 240 -4.21 11.19 32.34
N LEU A 241 -3.55 10.31 33.08
CA LEU A 241 -3.41 10.48 34.53
C LEU A 241 -2.65 11.75 34.88
N LEU A 242 -1.72 12.17 34.03
CA LEU A 242 -0.90 13.35 34.31
C LEU A 242 -1.46 14.57 33.59
N GLU A 243 -1.14 15.74 34.13
CA GLU A 243 -1.63 17.00 33.59
C GLU A 243 -1.15 17.22 32.15
N ASP A 252 4.20 8.55 29.83
CA ASP A 252 4.95 7.32 30.03
C ASP A 252 4.11 6.28 30.76
N GLU A 253 4.78 5.45 31.58
CA GLU A 253 4.09 4.38 32.30
C GLU A 253 3.18 4.92 33.40
N ASN A 254 3.43 6.13 33.89
CA ASN A 254 2.61 6.70 34.96
C ASN A 254 1.45 7.54 34.44
N SER A 255 1.36 7.76 33.13
CA SER A 255 0.29 8.56 32.57
C SER A 255 -1.01 7.77 32.40
N ALA A 256 -1.04 6.50 32.79
CA ALA A 256 -2.26 5.70 32.68
C ALA A 256 -2.12 4.47 33.56
N ILE A 257 -3.26 3.91 33.93
CA ILE A 257 -3.31 2.64 34.62
C ILE A 257 -3.35 1.52 33.59
N PHE A 258 -2.64 0.43 33.88
CA PHE A 258 -2.58 -0.71 32.97
C PHE A 258 -3.21 -1.94 33.63
N MET A 259 -3.70 -2.83 32.78
CA MET A 259 -4.43 -4.01 33.26
C MET A 259 -3.55 -4.94 34.09
N ASP A 260 -2.23 -4.79 34.03
CA ASP A 260 -1.33 -5.64 34.80
C ASP A 260 -0.74 -4.93 36.02
N ASP A 261 -1.15 -3.69 36.28
CA ASP A 261 -0.66 -2.99 37.46
C ASP A 261 -1.08 -3.70 38.73
N SER A 262 -0.17 -3.77 39.69
CA SER A 262 -0.47 -4.35 40.99
C SER A 262 -1.27 -3.36 41.82
N GLU A 263 -1.71 -3.80 43.00
CA GLU A 263 -2.45 -2.91 43.89
C GLU A 263 -1.62 -1.71 44.28
N SER A 264 -0.36 -1.93 44.68
CA SER A 264 0.52 -0.82 45.02
C SER A 264 0.76 0.11 43.83
N ASP A 265 0.86 -0.45 42.62
CA ASP A 265 1.02 0.40 41.44
C ASP A 265 -0.20 1.29 41.23
N VAL A 266 -1.40 0.72 41.33
CA VAL A 266 -2.62 1.49 41.10
C VAL A 266 -2.75 2.60 42.14
N ASN A 267 -2.54 2.26 43.42
CA ASN A 267 -2.64 3.27 44.47
C ASN A 267 -1.61 4.38 44.28
N ARG A 268 -0.39 4.02 43.85
CA ARG A 268 0.64 5.02 43.66
C ARG A 268 0.29 5.96 42.51
N LYS A 269 -0.19 5.41 41.40
CA LYS A 269 -0.49 6.25 40.24
C LYS A 269 -1.74 7.09 40.46
N ILE A 270 -2.74 6.56 41.17
CA ILE A 270 -3.92 7.36 41.46
C ILE A 270 -3.57 8.53 42.38
N LYS A 271 -2.77 8.27 43.41
CA LYS A 271 -2.42 9.32 44.37
C LYS A 271 -1.71 10.48 43.68
N LYS A 272 -0.71 10.18 42.86
CA LYS A 272 0.04 11.22 42.16
C LYS A 272 -0.64 11.70 40.88
N ALA A 273 -1.91 11.36 40.67
CA ALA A 273 -2.59 11.68 39.43
C ALA A 273 -3.18 13.09 39.48
N TYR A 274 -3.53 13.58 38.29
CA TYR A 274 -4.17 14.88 38.14
C TYR A 274 -5.65 14.76 38.51
N CYS A 275 -6.12 15.63 39.39
CA CYS A 275 -7.52 15.63 39.82
C CYS A 275 -7.87 17.04 40.29
N PRO A 276 -8.10 17.96 39.36
CA PRO A 276 -8.39 19.35 39.74
C PRO A 276 -9.66 19.45 40.55
N PRO A 277 -9.65 20.22 41.63
CA PRO A 277 -10.89 20.41 42.41
C PRO A 277 -11.93 21.15 41.61
N ASN A 278 -13.19 20.78 41.79
CA ASN A 278 -14.36 21.45 41.24
C ASN A 278 -14.44 21.37 39.72
N VAL A 279 -13.52 20.67 39.06
CA VAL A 279 -13.44 20.64 37.61
C VAL A 279 -13.44 19.18 37.16
N ILE A 280 -14.41 18.81 36.33
CA ILE A 280 -14.46 17.44 35.82
C ILE A 280 -13.85 17.33 34.42
N GLU A 281 -13.75 18.43 33.68
CA GLU A 281 -13.19 18.38 32.34
C GLU A 281 -11.70 18.04 32.40
N ASN A 282 -11.29 17.04 31.62
CA ASN A 282 -9.91 16.55 31.58
C ASN A 282 -9.49 15.96 32.93
N ASN A 283 -10.45 15.58 33.76
CA ASN A 283 -10.18 14.97 35.05
C ASN A 283 -10.16 13.46 34.89
N PRO A 284 -8.99 12.81 34.88
CA PRO A 284 -8.97 11.35 34.71
C PRO A 284 -9.54 10.60 35.89
N ILE A 285 -9.45 11.16 37.10
CA ILE A 285 -9.97 10.49 38.28
C ILE A 285 -11.49 10.48 38.25
N TYR A 286 -12.11 11.64 37.98
CA TYR A 286 -13.55 11.64 37.81
C TYR A 286 -13.98 10.78 36.62
N ALA A 287 -13.18 10.76 35.55
CA ALA A 287 -13.54 9.97 34.38
C ALA A 287 -13.59 8.47 34.71
N TYR A 288 -12.66 7.99 35.52
CA TYR A 288 -12.70 6.58 35.91
C TYR A 288 -13.95 6.27 36.73
N ALA A 289 -14.35 7.18 37.61
CA ALA A 289 -15.56 6.96 38.40
C ALA A 289 -16.81 6.96 37.54
N LYS A 290 -16.89 7.91 36.60
CA LYS A 290 -18.08 8.07 35.77
C LYS A 290 -18.20 7.00 34.70
N SER A 291 -17.08 6.62 34.07
CA SER A 291 -17.13 5.76 32.90
C SER A 291 -16.84 4.28 33.20
N ILE A 292 -16.17 3.97 34.30
CA ILE A 292 -15.79 2.61 34.63
C ILE A 292 -16.49 2.13 35.90
N ILE A 293 -16.36 2.90 36.98
CA ILE A 293 -16.81 2.42 38.28
C ILE A 293 -18.32 2.49 38.39
N PHE A 294 -18.91 3.66 38.10
CA PHE A 294 -20.36 3.79 38.19
C PHE A 294 -21.10 2.80 37.30
N PRO A 295 -20.75 2.58 36.02
CA PRO A 295 -21.49 1.57 35.24
C PRO A 295 -21.33 0.16 35.77
N SER A 296 -20.19 -0.16 36.39
CA SER A 296 -19.95 -1.53 36.83
C SER A 296 -20.76 -1.91 38.07
N TYR A 297 -21.03 -0.94 38.95
CA TYR A 297 -21.73 -1.20 40.20
C TYR A 297 -23.11 -0.56 40.27
N ASN A 298 -23.51 0.19 39.24
CA ASN A 298 -24.77 0.94 39.24
C ASN A 298 -24.86 1.92 40.41
N GLU A 299 -23.71 2.31 40.95
CA GLU A 299 -23.64 3.22 42.08
C GLU A 299 -22.17 3.55 42.30
N PHE A 300 -21.94 4.54 43.16
CA PHE A 300 -20.58 4.89 43.58
C PHE A 300 -20.62 5.13 45.09
N ASN A 301 -20.07 4.18 45.85
CA ASN A 301 -20.04 4.29 47.31
C ASN A 301 -18.77 5.03 47.71
N LEU A 302 -18.93 6.28 48.13
CA LEU A 302 -17.80 7.13 48.52
C LEU A 302 -17.56 6.95 50.02
N VAL A 303 -16.48 6.25 50.36
CA VAL A 303 -16.13 6.06 51.77
C VAL A 303 -15.32 7.25 52.25
N ARG A 304 -15.74 7.85 53.36
CA ARG A 304 -15.10 9.04 53.90
C ARG A 304 -15.24 9.08 55.41
N LYS A 305 -14.28 9.73 56.06
CA LYS A 305 -14.43 10.03 57.47
C LYS A 305 -15.57 11.03 57.67
N GLU A 306 -16.19 10.97 58.85
CA GLU A 306 -17.33 11.83 59.13
C GLU A 306 -16.98 13.30 59.01
N LYS A 307 -15.79 13.70 59.47
CA LYS A 307 -15.41 15.10 59.43
C LYS A 307 -15.18 15.59 58.00
N ASN A 308 -15.00 14.69 57.03
CA ASN A 308 -14.85 15.06 55.63
C ASN A 308 -16.15 14.90 54.84
N GLY A 309 -17.26 14.64 55.52
CA GLY A 309 -18.56 14.47 54.87
C GLY A 309 -19.21 13.13 55.09
N GLY A 310 -18.45 12.13 55.53
CA GLY A 310 -19.01 10.82 55.79
C GLY A 310 -19.33 10.02 54.55
N ASP A 311 -19.48 8.71 54.69
CA ASP A 311 -19.83 7.85 53.57
C ASP A 311 -21.11 8.33 52.90
N LYS A 312 -21.17 8.15 51.58
CA LYS A 312 -22.34 8.54 50.82
C LYS A 312 -22.43 7.64 49.59
N THR A 313 -23.61 7.09 49.35
CA THR A 313 -23.85 6.25 48.18
C THR A 313 -24.51 7.08 47.10
N TYR A 314 -23.83 7.22 45.96
CA TYR A 314 -24.36 7.94 44.82
C TYR A 314 -25.08 6.96 43.91
N TYR A 315 -26.34 7.25 43.61
CA TYR A 315 -27.13 6.41 42.71
C TYR A 315 -27.30 7.00 41.32
N THR A 316 -26.94 8.26 41.11
CA THR A 316 -27.00 8.90 39.81
C THR A 316 -25.71 9.65 39.54
N LEU A 317 -25.36 9.74 38.26
CA LEU A 317 -24.21 10.55 37.87
C LEU A 317 -24.48 12.04 38.03
N GLN A 318 -25.75 12.46 38.02
CA GLN A 318 -26.07 13.87 38.18
C GLN A 318 -25.65 14.38 39.55
N GLU A 319 -25.90 13.60 40.60
CA GLU A 319 -25.51 14.06 41.93
C GLU A 319 -24.01 13.94 42.12
N LEU A 320 -23.38 12.91 41.55
CA LEU A 320 -21.92 12.80 41.63
C LEU A 320 -21.27 14.04 41.02
N GLU A 321 -21.72 14.46 39.84
CA GLU A 321 -21.14 15.64 39.19
C GLU A 321 -21.40 16.90 39.99
N HIS A 322 -22.64 17.07 40.49
CA HIS A 322 -22.97 18.27 41.26
C HIS A 322 -22.12 18.36 42.53
N ASP A 323 -21.93 17.24 43.23
CA ASP A 323 -21.16 17.27 44.46
C ASP A 323 -19.69 17.59 44.19
N TYR A 324 -19.13 17.10 43.08
CA TYR A 324 -17.72 17.34 42.84
C TYR A 324 -17.45 18.78 42.40
N VAL A 325 -18.28 19.34 41.52
CA VAL A 325 -18.07 20.70 41.06
C VAL A 325 -18.34 21.71 42.18
N ASN A 326 -19.17 21.35 43.17
CA ASN A 326 -19.45 22.24 44.30
C ASN A 326 -18.45 22.08 45.44
N GLY A 327 -17.47 21.20 45.30
CA GLY A 327 -16.49 21.00 46.36
C GLY A 327 -16.91 20.07 47.46
N PHE A 328 -18.05 19.40 47.33
CA PHE A 328 -18.50 18.47 48.37
C PHE A 328 -17.59 17.25 48.47
N ILE A 329 -16.95 16.88 47.37
CA ILE A 329 -16.03 15.75 47.33
C ILE A 329 -14.64 16.29 47.07
N HIS A 330 -13.76 16.19 48.06
CA HIS A 330 -12.38 16.60 47.88
C HIS A 330 -11.64 15.58 47.02
N PRO A 331 -10.65 16.03 46.25
CA PRO A 331 -9.93 15.11 45.35
C PRO A 331 -9.30 13.93 46.06
N LEU A 332 -8.82 14.10 47.30
CA LEU A 332 -8.22 12.99 48.01
C LEU A 332 -9.24 11.89 48.29
N ASP A 333 -10.46 12.27 48.70
CA ASP A 333 -11.49 11.28 48.95
C ASP A 333 -11.90 10.56 47.67
N LEU A 334 -12.01 11.29 46.56
CA LEU A 334 -12.34 10.65 45.29
C LEU A 334 -11.24 9.70 44.84
N LYS A 335 -9.97 10.13 44.97
CA LYS A 335 -8.86 9.26 44.59
C LYS A 335 -8.84 7.98 45.40
N ASP A 336 -9.03 8.08 46.72
CA ASP A 336 -8.95 6.89 47.56
C ASP A 336 -9.99 5.85 47.17
N ASN A 337 -11.24 6.28 46.94
CA ASN A 337 -12.28 5.34 46.55
C ASN A 337 -12.07 4.83 45.13
N VAL A 338 -11.67 5.71 44.21
CA VAL A 338 -11.45 5.28 42.83
C VAL A 338 -10.36 4.22 42.76
N ALA A 339 -9.24 4.47 43.46
CA ALA A 339 -8.17 3.47 43.50
C ALA A 339 -8.66 2.16 44.10
N MET A 340 -9.46 2.23 45.17
CA MET A 340 -10.02 1.02 45.77
C MET A 340 -10.92 0.28 44.79
N TYR A 341 -11.73 1.03 44.02
CA TYR A 341 -12.63 0.41 43.06
C TYR A 341 -11.88 -0.20 41.89
N ILE A 342 -10.85 0.49 41.38
CA ILE A 342 -10.06 -0.05 40.28
C ILE A 342 -9.41 -1.36 40.69
N ASN A 343 -8.88 -1.41 41.91
CA ASN A 343 -8.24 -2.64 42.38
C ASN A 343 -9.23 -3.79 42.50
N LYS A 344 -10.48 -3.50 42.82
CA LYS A 344 -11.48 -4.56 42.92
C LYS A 344 -11.87 -5.08 41.54
N LEU A 345 -11.93 -4.20 40.53
CA LEU A 345 -12.27 -4.62 39.19
C LEU A 345 -11.13 -5.38 38.52
N LEU A 346 -9.88 -5.07 38.88
CA LEU A 346 -8.74 -5.77 38.30
C LEU A 346 -8.49 -7.13 38.96
N GLN A 347 -9.27 -7.52 39.97
CA GLN A 347 -9.00 -8.74 40.71
C GLN A 347 -9.19 -10.01 39.87
N PRO A 348 -10.24 -10.11 39.04
CA PRO A 348 -10.31 -11.29 38.15
C PRO A 348 -9.13 -11.40 37.19
N VAL A 349 -8.62 -10.27 36.70
CA VAL A 349 -7.45 -10.28 35.83
C VAL A 349 -6.22 -10.75 36.60
N ARG A 350 -6.01 -10.18 37.79
CA ARG A 350 -4.85 -10.55 38.60
C ARG A 350 -4.89 -12.02 38.99
N ASP A 351 -6.03 -12.49 39.49
CA ASP A 351 -6.15 -13.90 39.85
C ASP A 351 -5.89 -14.80 38.65
N HIS A 352 -6.30 -14.38 37.45
CA HIS A 352 -6.05 -15.20 36.26
C HIS A 352 -4.56 -15.27 35.94
N PHE A 353 -3.87 -14.15 35.99
CA PHE A 353 -2.44 -14.13 35.69
C PHE A 353 -1.57 -14.57 36.86
N GLN A 354 -2.16 -14.74 38.04
CA GLN A 354 -1.42 -15.31 39.15
C GLN A 354 -1.59 -16.82 39.26
N ASN A 355 -2.76 -17.34 38.90
CA ASN A 355 -3.07 -18.76 39.05
C ASN A 355 -2.82 -19.56 37.78
N ASN A 356 -3.20 -19.02 36.62
CA ASN A 356 -2.94 -19.70 35.35
C ASN A 356 -1.46 -19.56 34.99
N ILE A 357 -0.76 -20.69 34.91
CA ILE A 357 0.69 -20.67 34.74
C ILE A 357 1.05 -20.15 33.35
N GLU A 358 0.35 -20.61 32.31
CA GLU A 358 0.68 -20.18 30.96
C GLU A 358 0.38 -18.71 30.74
N ALA A 359 -0.63 -18.16 31.41
CA ALA A 359 -0.86 -16.73 31.32
C ALA A 359 0.19 -15.94 32.10
N LYS A 360 0.70 -16.51 33.18
CA LYS A 360 1.75 -15.85 33.95
C LYS A 360 3.03 -15.72 33.15
N ASN A 361 3.44 -16.79 32.45
CA ASN A 361 4.66 -16.72 31.65
C ASN A 361 4.51 -15.76 30.48
N LEU A 362 3.30 -15.62 29.94
CA LEU A 362 3.07 -14.68 28.84
C LEU A 362 3.25 -13.24 29.30
N LEU A 363 2.64 -12.88 30.43
CA LEU A 363 2.81 -11.53 30.97
C LEU A 363 4.25 -11.25 31.32
N ASN A 364 4.92 -12.22 31.97
CA ASN A 364 6.32 -12.02 32.33
C ASN A 364 7.20 -11.81 31.09
N GLU A 365 6.81 -12.42 29.97
CA GLU A 365 7.57 -12.26 28.73
C GLU A 365 7.35 -10.86 28.14
N ILE A 366 6.09 -10.42 28.05
CA ILE A 366 5.83 -9.13 27.44
C ILE A 366 6.21 -7.96 28.35
N LYS A 367 6.41 -8.22 29.64
CA LYS A 367 6.79 -7.15 30.57
C LYS A 367 8.19 -6.64 30.26
N LYS A 368 9.12 -7.54 29.97
CA LYS A 368 10.49 -7.18 29.67
C LYS A 368 10.69 -6.62 28.27
N TYR A 369 9.61 -6.28 27.57
CA TYR A 369 9.70 -5.71 26.23
C TYR A 369 9.85 -4.20 26.29
N LYS A 370 10.66 -3.66 25.40
CA LYS A 370 10.86 -2.22 25.30
C LYS A 370 9.83 -1.60 24.36
N VAL A 371 9.24 -0.48 24.79
CA VAL A 371 8.25 0.24 24.00
C VAL A 371 8.94 1.22 23.06
N THR A 372 8.33 1.47 21.91
CA THR A 372 8.87 2.39 20.92
C THR A 372 7.78 3.26 20.31
N GLU B 15 48.01 -23.74 -19.72
CA GLU B 15 46.60 -24.07 -19.73
C GLU B 15 45.88 -23.48 -18.51
N LYS B 16 46.48 -23.64 -17.33
CA LYS B 16 45.88 -23.11 -16.12
C LYS B 16 45.87 -21.59 -16.14
N LYS B 17 46.93 -20.97 -16.66
CA LYS B 17 46.96 -19.52 -16.80
C LYS B 17 46.09 -19.06 -17.98
N ALA B 18 46.15 -19.79 -19.10
CA ALA B 18 45.39 -19.39 -20.29
C ALA B 18 43.89 -19.49 -20.06
N GLN B 19 43.45 -20.38 -19.16
CA GLN B 19 42.03 -20.50 -18.89
C GLN B 19 41.51 -19.32 -18.06
N GLU B 20 42.37 -18.73 -17.24
CA GLU B 20 41.99 -17.52 -16.50
C GLU B 20 41.89 -16.32 -17.43
N GLU B 21 42.84 -16.19 -18.36
CA GLU B 21 42.85 -15.03 -19.26
C GLU B 21 41.62 -15.01 -20.15
N SER B 22 41.25 -16.17 -20.71
CA SER B 22 40.07 -16.23 -21.56
C SER B 22 38.79 -15.95 -20.77
N LYS B 23 38.74 -16.37 -19.51
CA LYS B 23 37.56 -16.10 -18.69
C LYS B 23 37.40 -14.60 -18.42
N ILE B 24 38.51 -13.92 -18.13
CA ILE B 24 38.45 -12.49 -17.87
C ILE B 24 38.03 -11.72 -19.13
N GLU B 25 38.60 -12.06 -20.28
CA GLU B 25 38.19 -11.42 -21.52
C GLU B 25 36.77 -11.82 -21.91
N ASP B 26 36.30 -12.99 -21.49
CA ASP B 26 34.91 -13.37 -21.74
C ASP B 26 33.95 -12.46 -20.98
N VAL B 27 34.26 -12.16 -19.72
CA VAL B 27 33.39 -11.27 -18.94
C VAL B 27 33.48 -9.84 -19.47
N ASP B 28 34.66 -9.43 -19.94
CA ASP B 28 34.86 -8.07 -20.43
C ASP B 28 34.02 -7.79 -21.68
N LYS B 29 33.96 -8.74 -22.61
CA LYS B 29 33.15 -8.51 -23.80
C LYS B 29 31.66 -8.63 -23.49
N ILE B 30 31.27 -9.55 -22.61
CA ILE B 30 29.87 -9.65 -22.20
C ILE B 30 29.44 -8.36 -21.52
N LEU B 31 30.34 -7.77 -20.72
CA LEU B 31 30.03 -6.53 -20.03
C LEU B 31 29.86 -5.37 -21.01
N ASN B 32 30.71 -5.32 -22.04
CA ASN B 32 30.77 -4.13 -22.90
C ASN B 32 29.55 -4.05 -23.81
N ASP B 33 29.06 -5.17 -24.33
CA ASP B 33 27.91 -5.09 -25.22
C ASP B 33 26.58 -5.15 -24.49
N ILE B 34 26.58 -5.47 -23.20
CA ILE B 34 25.37 -5.25 -22.40
C ILE B 34 25.21 -3.76 -22.13
N LEU B 35 26.31 -3.04 -21.91
CA LEU B 35 26.24 -1.60 -21.70
C LEU B 35 25.92 -0.83 -22.97
N SER B 36 26.07 -1.45 -24.14
CA SER B 36 25.88 -0.72 -25.39
C SER B 36 24.42 -0.32 -25.59
N ILE B 37 23.47 -1.09 -25.06
CA ILE B 37 22.06 -0.76 -25.19
C ILE B 37 21.55 0.12 -24.05
N SER B 38 22.43 0.54 -23.15
CA SER B 38 22.04 1.33 -21.99
C SER B 38 22.47 2.78 -22.19
N SER B 39 21.51 3.70 -22.06
CA SER B 39 21.84 5.12 -22.03
C SER B 39 22.61 5.48 -20.76
N GLU B 40 22.41 4.72 -19.68
CA GLU B 40 23.08 4.94 -18.42
C GLU B 40 23.00 3.65 -17.61
N CYS B 41 24.05 3.36 -16.84
CA CYS B 41 24.09 2.18 -15.99
C CYS B 41 24.55 2.59 -14.60
N ILE B 42 23.71 2.34 -13.59
CA ILE B 42 24.10 2.66 -12.22
C ILE B 42 25.13 1.65 -11.75
N GLN B 43 26.40 2.07 -11.77
CA GLN B 43 27.60 1.33 -11.38
C GLN B 43 27.86 0.16 -12.32
N PRO B 44 28.63 0.38 -13.39
CA PRO B 44 29.09 -0.75 -14.20
C PRO B 44 29.98 -1.73 -13.44
N ASP B 45 30.65 -1.26 -12.38
CA ASP B 45 31.45 -2.17 -11.56
C ASP B 45 30.57 -3.23 -10.90
N GLU B 46 29.36 -2.86 -10.50
CA GLU B 46 28.46 -3.86 -9.91
C GLU B 46 27.97 -4.85 -10.95
N LEU B 47 27.79 -4.39 -12.20
CA LEU B 47 27.38 -5.29 -13.27
C LEU B 47 28.44 -6.35 -13.54
N ARG B 48 29.71 -5.99 -13.46
CA ARG B 48 30.77 -6.99 -13.66
C ARG B 48 30.76 -8.02 -12.55
N VAL B 49 30.49 -7.60 -11.31
CA VAL B 49 30.43 -8.54 -10.19
C VAL B 49 29.31 -9.54 -10.41
N LYS B 50 28.15 -9.08 -10.88
CA LYS B 50 27.04 -10.01 -11.12
C LYS B 50 27.32 -10.95 -12.27
N LEU B 51 28.15 -10.54 -13.23
CA LEU B 51 28.51 -11.44 -14.33
C LEU B 51 29.49 -12.51 -13.89
N LEU B 52 30.12 -12.35 -12.74
CA LEU B 52 31.06 -13.34 -12.22
C LEU B 52 30.38 -14.41 -11.38
N LEU B 53 29.08 -14.33 -11.18
CA LEU B 53 28.34 -15.37 -10.47
C LEU B 53 28.01 -16.52 -11.41
N LYS B 54 28.09 -17.74 -10.88
CA LYS B 54 27.91 -18.96 -11.67
C LYS B 54 26.47 -19.18 -12.12
N ARG B 55 25.56 -18.24 -11.92
CA ARG B 55 24.16 -18.39 -12.31
C ARG B 55 23.80 -17.35 -13.36
N LYS B 56 22.60 -17.48 -13.91
CA LYS B 56 22.07 -16.49 -14.84
C LYS B 56 21.48 -15.32 -14.07
N LEU B 57 21.63 -14.12 -14.64
CA LEU B 57 21.10 -12.92 -14.03
C LEU B 57 19.63 -12.73 -14.42
N ILE B 58 18.84 -12.28 -13.45
CA ILE B 58 17.41 -12.06 -13.66
C ILE B 58 17.21 -10.59 -14.00
N CYS B 59 16.68 -10.33 -15.19
CA CYS B 59 16.38 -8.99 -15.66
C CYS B 59 14.88 -8.88 -15.89
N TYR B 60 14.37 -7.64 -15.87
CA TYR B 60 12.94 -7.48 -16.06
C TYR B 60 12.63 -6.07 -16.52
N ASP B 61 11.46 -5.92 -17.11
CA ASP B 61 10.86 -4.66 -17.50
C ASP B 61 9.37 -4.81 -17.26
N GLY B 62 8.68 -3.72 -16.95
CA GLY B 62 7.27 -3.76 -16.59
C GLY B 62 6.46 -2.87 -17.51
N PHE B 63 5.18 -3.22 -17.68
CA PHE B 63 4.34 -2.64 -18.72
C PHE B 63 2.91 -2.48 -18.23
N GLU B 64 2.39 -1.24 -18.26
CA GLU B 64 0.98 -1.01 -18.00
C GLU B 64 0.19 -1.29 -19.26
N PRO B 65 -0.74 -2.26 -19.26
CA PRO B 65 -1.59 -2.47 -20.44
C PRO B 65 -2.64 -1.38 -20.55
N SER B 66 -2.35 -0.33 -21.34
CA SER B 66 -3.20 0.85 -21.38
C SER B 66 -3.56 1.26 -22.81
N GLY B 67 -3.47 0.34 -23.77
CA GLY B 67 -3.81 0.64 -25.14
C GLY B 67 -2.84 -0.04 -26.08
N ARG B 68 -2.70 0.53 -27.28
CA ARG B 68 -1.83 -0.05 -28.28
C ARG B 68 -0.36 0.05 -27.84
N MET B 69 0.47 -0.82 -28.40
CA MET B 69 1.85 -0.94 -27.96
C MET B 69 2.75 0.00 -28.76
N HIS B 70 3.50 0.83 -28.02
CA HIS B 70 4.58 1.62 -28.61
C HIS B 70 5.59 0.67 -29.27
N ILE B 71 6.21 1.12 -30.37
CA ILE B 71 7.23 0.27 -30.97
C ILE B 71 8.45 0.16 -30.08
N ALA B 72 8.65 1.10 -29.16
CA ALA B 72 9.74 0.97 -28.20
C ALA B 72 9.52 -0.23 -27.29
N GLN B 73 8.27 -0.56 -26.99
CA GLN B 73 7.92 -1.68 -26.14
C GLN B 73 7.85 -3.00 -26.88
N GLY B 74 7.77 -2.97 -28.21
CA GLY B 74 7.78 -4.18 -29.01
C GLY B 74 9.09 -4.41 -29.72
N LEU B 75 9.43 -3.53 -30.67
CA LEU B 75 10.63 -3.74 -31.49
C LEU B 75 11.90 -3.42 -30.72
N LEU B 76 11.95 -2.26 -30.06
CA LEU B 76 13.14 -1.88 -29.31
C LEU B 76 13.41 -2.87 -28.18
N LYS B 77 12.34 -3.31 -27.50
CA LYS B 77 12.49 -4.25 -26.40
C LYS B 77 13.04 -5.59 -26.88
N SER B 78 12.59 -6.05 -28.05
CA SER B 78 13.04 -7.34 -28.55
C SER B 78 14.54 -7.36 -28.76
N ILE B 79 15.13 -6.25 -29.20
CA ILE B 79 16.57 -6.20 -29.41
C ILE B 79 17.31 -6.27 -28.09
N ILE B 80 16.81 -5.56 -27.07
CA ILE B 80 17.47 -5.55 -25.77
C ILE B 80 17.40 -6.92 -25.12
N VAL B 81 16.21 -7.53 -25.12
CA VAL B 81 16.04 -8.83 -24.49
C VAL B 81 16.88 -9.89 -25.20
N ASN B 82 17.00 -9.79 -26.53
CA ASN B 82 17.85 -10.71 -27.26
C ASN B 82 19.32 -10.57 -26.85
N LYS B 83 19.78 -9.32 -26.66
CA LYS B 83 21.16 -9.13 -26.25
C LYS B 83 21.43 -9.64 -24.84
N LEU B 84 20.44 -9.52 -23.94
CA LEU B 84 20.62 -9.98 -22.56
C LEU B 84 20.56 -11.50 -22.47
N THR B 85 19.60 -12.12 -23.16
CA THR B 85 19.46 -13.56 -23.06
C THR B 85 20.60 -14.31 -23.74
N SER B 86 21.32 -13.66 -24.65
CA SER B 86 22.51 -14.26 -25.26
C SER B 86 23.77 -14.02 -24.45
N ASN B 87 23.66 -13.41 -23.27
CA ASN B 87 24.79 -13.07 -22.43
C ASN B 87 24.56 -13.54 -21.00
N GLY B 88 23.88 -14.68 -20.86
CA GLY B 88 23.69 -15.28 -19.55
C GLY B 88 22.64 -14.64 -18.67
N CYS B 89 21.57 -14.10 -19.26
CA CYS B 89 20.50 -13.48 -18.50
C CYS B 89 19.18 -14.13 -18.84
N THR B 90 18.27 -14.13 -17.86
CA THR B 90 16.87 -14.45 -18.08
C THR B 90 16.06 -13.17 -17.93
N PHE B 91 14.99 -13.04 -18.70
CA PHE B 91 14.24 -11.79 -18.75
C PHE B 91 12.78 -12.03 -18.43
N ILE B 92 12.20 -11.13 -17.63
CA ILE B 92 10.81 -11.21 -17.23
C ILE B 92 10.07 -10.01 -17.83
N PHE B 93 9.01 -10.29 -18.58
CA PHE B 93 8.03 -9.28 -18.94
C PHE B 93 6.98 -9.23 -17.84
N TRP B 94 6.87 -8.10 -17.17
CA TRP B 94 5.98 -7.90 -16.02
C TRP B 94 4.73 -7.19 -16.51
N ILE B 95 3.64 -7.93 -16.68
CA ILE B 95 2.36 -7.35 -17.08
C ILE B 95 1.76 -6.63 -15.88
N ALA B 96 1.96 -5.32 -15.81
CA ALA B 96 1.57 -4.54 -14.62
C ALA B 96 0.09 -4.19 -14.65
N ASP B 97 -0.76 -5.23 -14.70
CA ASP B 97 -2.19 -5.02 -14.82
C ASP B 97 -2.75 -4.25 -13.63
N TRP B 98 -2.42 -4.67 -12.41
CA TRP B 98 -2.90 -3.97 -11.23
C TRP B 98 -2.36 -2.54 -11.17
N PHE B 99 -1.19 -2.30 -11.74
CA PHE B 99 -0.63 -0.95 -11.78
C PHE B 99 -1.40 -0.06 -12.75
N ALA B 100 -1.80 -0.61 -13.90
CA ALA B 100 -2.62 0.15 -14.82
C ALA B 100 -3.97 0.50 -14.21
N HIS B 101 -4.54 -0.43 -13.43
CA HIS B 101 -5.80 -0.16 -12.74
C HIS B 101 -5.62 0.93 -11.70
N LEU B 102 -4.54 0.86 -10.92
CA LEU B 102 -4.25 1.88 -9.92
C LEU B 102 -4.03 3.24 -10.55
N ASN B 103 -3.44 3.28 -11.75
CA ASN B 103 -3.15 4.51 -12.48
C ASN B 103 -4.30 4.97 -13.36
N ASN B 104 -5.49 4.38 -13.20
CA ASN B 104 -6.71 4.82 -13.87
C ASN B 104 -6.66 4.62 -15.38
N LYS B 105 -5.89 3.65 -15.87
CA LYS B 105 -5.84 3.37 -17.29
C LYS B 105 -7.05 2.56 -17.72
N MET B 106 -7.53 2.81 -18.93
CA MET B 106 -8.73 2.14 -19.45
C MET B 106 -9.92 2.37 -18.53
N SER B 107 -9.98 3.57 -17.94
CA SER B 107 -10.95 3.91 -16.91
C SER B 107 -10.93 2.91 -15.75
N GLY B 108 -9.77 2.31 -15.50
CA GLY B 108 -9.63 1.33 -14.44
C GLY B 108 -10.29 -0.01 -14.67
N ASP B 109 -11.00 -0.18 -15.79
CA ASP B 109 -11.70 -1.42 -16.10
C ASP B 109 -10.74 -2.61 -16.15
N LEU B 110 -10.83 -3.51 -15.17
CA LEU B 110 -9.90 -4.63 -15.10
C LEU B 110 -10.07 -5.60 -16.26
N LYS B 111 -11.29 -5.75 -16.77
CA LYS B 111 -11.50 -6.67 -17.89
C LYS B 111 -10.81 -6.18 -19.15
N LYS B 112 -10.82 -4.87 -19.40
CA LYS B 112 -10.12 -4.34 -20.57
C LYS B 112 -8.62 -4.44 -20.40
N ILE B 113 -8.11 -4.17 -19.20
CA ILE B 113 -6.67 -4.24 -18.96
C ILE B 113 -6.14 -5.65 -19.25
N LYS B 114 -6.85 -6.69 -18.79
CA LYS B 114 -6.42 -8.05 -19.08
C LYS B 114 -6.45 -8.36 -20.57
N LYS B 115 -7.42 -7.81 -21.31
CA LYS B 115 -7.45 -8.02 -22.75
C LYS B 115 -6.25 -7.36 -23.43
N VAL B 116 -5.89 -6.15 -23.00
CA VAL B 116 -4.73 -5.48 -23.56
C VAL B 116 -3.46 -6.22 -23.18
N GLY B 117 -3.40 -6.77 -21.95
CA GLY B 117 -2.25 -7.56 -21.56
C GLY B 117 -2.03 -8.78 -22.45
N SER B 118 -3.11 -9.54 -22.70
CA SER B 118 -3.04 -10.65 -23.63
C SER B 118 -2.62 -10.20 -25.03
N TYR B 119 -3.03 -9.00 -25.44
CA TYR B 119 -2.62 -8.51 -26.75
C TYR B 119 -1.14 -8.18 -26.77
N PHE B 120 -0.61 -7.64 -25.67
CA PHE B 120 0.82 -7.38 -25.59
C PHE B 120 1.62 -8.67 -25.73
N ILE B 121 1.17 -9.74 -25.06
CA ILE B 121 1.88 -11.02 -25.12
C ILE B 121 1.84 -11.58 -26.54
N GLU B 122 0.72 -11.37 -27.24
CA GLU B 122 0.63 -11.83 -28.63
C GLU B 122 1.62 -11.10 -29.53
N VAL B 123 1.79 -9.80 -29.31
CA VAL B 123 2.75 -9.03 -30.10
C VAL B 123 4.18 -9.47 -29.78
N TRP B 124 4.51 -9.58 -28.49
CA TRP B 124 5.86 -9.95 -28.09
C TRP B 124 6.24 -11.32 -28.62
N LYS B 125 5.30 -12.27 -28.60
CA LYS B 125 5.59 -13.63 -29.06
C LYS B 125 5.95 -13.69 -30.53
N SER B 126 5.67 -12.65 -31.31
CA SER B 126 6.04 -12.60 -32.72
C SER B 126 6.96 -11.43 -33.03
N CYS B 127 7.61 -10.86 -32.01
CA CYS B 127 8.54 -9.76 -32.19
C CYS B 127 9.96 -10.23 -32.52
N GLY B 128 10.12 -11.48 -32.94
CA GLY B 128 11.44 -11.99 -33.26
C GLY B 128 12.31 -12.26 -32.07
N MET B 129 11.74 -12.31 -30.88
CA MET B 129 12.50 -12.59 -29.68
C MET B 129 12.74 -14.09 -29.53
N ASN B 130 13.65 -14.41 -28.62
CA ASN B 130 14.00 -15.79 -28.29
C ASN B 130 13.40 -16.09 -26.92
N MET B 131 12.37 -16.94 -26.89
CA MET B 131 11.58 -17.18 -25.69
C MET B 131 12.14 -18.29 -24.80
N GLU B 132 13.38 -18.72 -25.04
CA GLU B 132 13.92 -19.81 -24.21
C GLU B 132 14.16 -19.34 -22.78
N ASN B 133 14.63 -18.10 -22.60
CA ASN B 133 14.91 -17.56 -21.28
C ASN B 133 14.07 -16.33 -20.98
N VAL B 134 12.87 -16.26 -21.56
CA VAL B 134 11.97 -15.12 -21.39
C VAL B 134 10.69 -15.62 -20.75
N GLN B 135 10.15 -14.84 -19.81
CA GLN B 135 8.89 -15.15 -19.15
C GLN B 135 7.92 -13.98 -19.28
N PHE B 136 6.63 -14.31 -19.35
CA PHE B 136 5.55 -13.35 -19.25
C PHE B 136 4.81 -13.63 -17.95
N LEU B 137 4.94 -12.72 -16.98
CA LEU B 137 4.33 -12.85 -15.67
C LEU B 137 3.34 -11.72 -15.43
N TRP B 138 2.18 -12.07 -14.89
CA TRP B 138 1.14 -11.10 -14.57
C TRP B 138 1.28 -10.67 -13.11
N ALA B 139 1.26 -9.36 -12.88
CA ALA B 139 1.45 -8.83 -11.53
C ALA B 139 0.43 -9.41 -10.57
N SER B 140 -0.87 -9.26 -10.89
CA SER B 140 -1.92 -9.72 -9.98
C SER B 140 -1.84 -11.21 -9.71
N GLU B 141 -1.44 -12.00 -10.71
CA GLU B 141 -1.31 -13.45 -10.49
C GLU B 141 -0.15 -13.74 -9.54
N GLU B 142 1.01 -13.14 -9.79
CA GLU B 142 2.18 -13.45 -8.97
C GLU B 142 2.04 -12.91 -7.55
N ILE B 143 1.48 -11.70 -7.42
CA ILE B 143 1.26 -11.11 -6.11
C ILE B 143 0.34 -11.98 -5.27
N ASN B 144 -0.75 -12.48 -5.87
CA ASN B 144 -1.67 -13.32 -5.11
C ASN B 144 -1.16 -14.75 -4.92
N LYS B 145 -0.05 -15.15 -5.55
CA LYS B 145 0.54 -16.45 -5.24
C LYS B 145 1.28 -16.40 -3.91
N LYS B 146 1.88 -15.25 -3.59
CA LYS B 146 2.64 -15.07 -2.36
C LYS B 146 2.28 -13.72 -1.76
N PRO B 147 1.03 -13.55 -1.33
CA PRO B 147 0.58 -12.21 -0.92
C PRO B 147 1.17 -11.76 0.40
N ASN B 148 1.53 -12.70 1.27
CA ASN B 148 2.13 -12.31 2.55
C ASN B 148 3.50 -11.70 2.33
N GLU B 149 4.35 -12.37 1.54
CA GLU B 149 5.67 -11.81 1.23
C GLU B 149 5.56 -10.48 0.50
N TYR B 150 4.72 -10.42 -0.54
CA TYR B 150 4.66 -9.20 -1.35
C TYR B 150 4.24 -7.99 -0.53
N TRP B 151 3.10 -8.08 0.15
CA TRP B 151 2.57 -6.90 0.82
C TRP B 151 3.38 -6.52 2.05
N SER B 152 4.03 -7.50 2.71
CA SER B 152 4.97 -7.16 3.76
C SER B 152 6.11 -6.31 3.22
N LEU B 153 6.58 -6.60 2.01
CA LEU B 153 7.58 -5.76 1.37
C LEU B 153 7.03 -4.35 1.15
N VAL B 154 5.82 -4.25 0.58
CA VAL B 154 5.22 -2.94 0.34
C VAL B 154 5.14 -2.13 1.62
N LEU B 155 4.68 -2.75 2.71
CA LEU B 155 4.55 -2.05 3.98
C LEU B 155 5.89 -1.62 4.53
N ASP B 156 6.92 -2.46 4.38
CA ASP B 156 8.24 -2.12 4.90
C ASP B 156 8.88 -0.98 4.12
N ILE B 157 8.60 -0.89 2.82
CA ILE B 157 9.11 0.21 2.02
C ILE B 157 8.42 1.51 2.40
N SER B 158 7.12 1.45 2.68
CA SER B 158 6.40 2.67 3.08
C SER B 158 6.89 3.20 4.41
N ARG B 159 7.39 2.34 5.29
CA ARG B 159 7.97 2.78 6.55
C ARG B 159 9.30 3.49 6.37
N SER B 160 9.96 3.29 5.23
CA SER B 160 11.35 3.71 5.06
C SER B 160 11.51 5.08 4.40
N PHE B 161 10.51 5.53 3.65
CA PHE B 161 10.61 6.79 2.92
C PHE B 161 9.44 7.68 3.28
N ASN B 162 9.70 8.99 3.37
CA ASN B 162 8.65 9.95 3.65
C ASN B 162 7.88 10.27 2.37
N ILE B 163 6.87 11.13 2.50
CA ILE B 163 5.96 11.38 1.38
C ILE B 163 6.67 12.13 0.26
N ASN B 164 7.44 13.16 0.61
CA ASN B 164 8.11 13.96 -0.42
C ASN B 164 9.13 13.13 -1.18
N ARG B 165 9.83 12.23 -0.49
CA ARG B 165 10.74 11.32 -1.18
C ARG B 165 10.01 10.47 -2.19
N MET B 166 8.80 10.03 -1.85
CA MET B 166 8.04 9.17 -2.75
C MET B 166 7.40 9.96 -3.89
N LYS B 167 7.02 11.22 -3.64
CA LYS B 167 6.45 12.04 -4.69
C LYS B 167 7.47 12.44 -5.75
N ARG B 168 8.76 12.21 -5.51
CA ARG B 168 9.75 12.38 -6.57
C ARG B 168 9.72 11.26 -7.59
N CYS B 169 8.98 10.18 -7.33
CA CYS B 169 8.85 9.08 -8.27
C CYS B 169 7.60 9.18 -9.13
N LEU B 170 6.88 10.31 -9.08
CA LEU B 170 5.66 10.46 -9.87
C LEU B 170 5.89 10.20 -11.35
N LYS B 171 7.10 10.47 -11.86
CA LYS B 171 7.36 10.33 -13.29
C LYS B 171 7.19 8.89 -13.76
N ILE B 172 7.42 7.91 -12.87
CA ILE B 172 7.31 6.51 -13.29
C ILE B 172 5.90 6.12 -13.67
N MET B 173 4.90 6.93 -13.32
CA MET B 173 3.51 6.64 -13.68
C MET B 173 2.93 7.70 -14.60
N GLY B 174 3.77 8.54 -15.20
CA GLY B 174 3.31 9.57 -16.11
C GLY B 174 2.57 10.71 -15.47
N ARG B 175 2.78 10.95 -14.18
CA ARG B 175 2.06 11.96 -13.42
C ARG B 175 3.01 13.08 -13.02
N SER B 176 2.46 14.12 -12.40
CA SER B 176 3.25 15.26 -11.96
C SER B 176 2.65 15.82 -10.67
N GLU B 177 3.39 16.74 -10.05
CA GLU B 177 2.89 17.39 -8.84
C GLU B 177 1.88 18.50 -9.14
N GLY B 178 1.80 18.96 -10.39
CA GLY B 178 0.86 20.02 -10.72
C GLY B 178 -0.58 19.61 -10.60
N GLU B 179 -0.88 18.33 -10.86
CA GLU B 179 -2.24 17.82 -10.76
C GLU B 179 -2.51 17.35 -9.32
N GLU B 180 -3.74 16.92 -9.08
CA GLU B 180 -4.14 16.45 -7.76
C GLU B 180 -3.47 15.11 -7.48
N ASN B 181 -2.75 15.03 -6.36
CA ASN B 181 -1.98 13.84 -6.04
C ASN B 181 -2.81 12.91 -5.16
N TYR B 182 -3.29 11.82 -5.75
CA TYR B 182 -4.06 10.85 -5.00
C TYR B 182 -3.14 9.90 -4.25
N CYS B 183 -3.69 9.25 -3.23
CA CYS B 183 -2.92 8.30 -2.44
C CYS B 183 -2.41 7.14 -3.28
N SER B 184 -3.08 6.85 -4.40
CA SER B 184 -2.58 5.82 -5.32
C SER B 184 -1.22 6.19 -5.88
N GLN B 185 -0.90 7.48 -5.95
CA GLN B 185 0.42 7.91 -6.42
C GLN B 185 1.50 7.72 -5.36
N ILE B 186 1.13 7.37 -4.14
CA ILE B 186 2.07 6.92 -3.12
C ILE B 186 2.16 5.40 -3.08
N LEU B 187 1.02 4.72 -3.19
CA LEU B 187 1.00 3.27 -3.20
C LEU B 187 1.73 2.70 -4.42
N TYR B 188 1.51 3.29 -5.59
CA TYR B 188 2.09 2.79 -6.84
C TYR B 188 3.61 2.67 -6.77
N PRO B 189 4.38 3.72 -6.44
CA PRO B 189 5.85 3.54 -6.40
C PRO B 189 6.32 2.64 -5.28
N CYS B 190 5.58 2.53 -4.18
CA CYS B 190 5.92 1.54 -3.17
C CYS B 190 5.83 0.13 -3.73
N MET B 191 4.78 -0.15 -4.51
CA MET B 191 4.61 -1.48 -5.08
C MET B 191 5.64 -1.76 -6.18
N GLN B 192 5.89 -0.77 -7.06
CA GLN B 192 6.90 -0.99 -8.09
C GLN B 192 8.27 -1.24 -7.46
N CYS B 193 8.60 -0.50 -6.40
CA CYS B 193 9.85 -0.76 -5.70
C CYS B 193 9.87 -2.16 -5.10
N ALA B 194 8.73 -2.63 -4.59
CA ALA B 194 8.69 -3.97 -4.01
C ALA B 194 8.83 -5.07 -5.05
N ASP B 195 8.36 -4.81 -6.28
CA ASP B 195 8.50 -5.79 -7.36
C ASP B 195 9.96 -6.16 -7.59
N ILE B 196 10.87 -5.20 -7.45
CA ILE B 196 12.27 -5.43 -7.78
C ILE B 196 12.84 -6.53 -6.89
N PHE B 197 12.47 -6.52 -5.61
CA PHE B 197 12.89 -7.54 -4.66
C PHE B 197 12.00 -8.78 -4.71
N PHE B 198 10.70 -8.59 -4.92
CA PHE B 198 9.77 -9.72 -5.03
C PHE B 198 10.18 -10.66 -6.16
N LEU B 199 10.60 -10.10 -7.29
CA LEU B 199 11.02 -10.90 -8.43
C LEU B 199 12.49 -11.33 -8.35
N ASN B 200 13.20 -10.95 -7.29
CA ASN B 200 14.63 -11.26 -7.13
C ASN B 200 15.41 -10.80 -8.36
N VAL B 201 15.13 -9.56 -8.78
CA VAL B 201 15.70 -8.99 -9.99
C VAL B 201 17.16 -8.61 -9.75
N ASP B 202 18.03 -9.01 -10.68
CA ASP B 202 19.43 -8.59 -10.69
C ASP B 202 19.62 -7.29 -11.45
N ILE B 203 18.94 -7.14 -12.57
CA ILE B 203 19.11 -6.00 -13.47
C ILE B 203 17.74 -5.40 -13.75
N CYS B 204 17.57 -4.14 -13.40
CA CYS B 204 16.35 -3.40 -13.73
C CYS B 204 16.57 -2.77 -15.09
N GLN B 205 15.89 -3.30 -16.10
CA GLN B 205 16.09 -2.88 -17.48
C GLN B 205 14.81 -2.20 -17.94
N LEU B 206 14.66 -0.94 -17.55
CA LEU B 206 13.49 -0.13 -17.88
C LEU B 206 13.97 1.16 -18.52
N GLY B 207 13.02 1.94 -19.05
CA GLY B 207 13.35 3.22 -19.62
C GLY B 207 13.81 4.22 -18.56
N ILE B 208 14.52 5.25 -19.02
CA ILE B 208 15.06 6.25 -18.11
C ILE B 208 13.98 6.96 -17.32
N ASP B 209 12.73 6.95 -17.81
CA ASP B 209 11.63 7.57 -17.08
C ASP B 209 11.25 6.80 -15.81
N GLN B 210 11.83 5.62 -15.60
CA GLN B 210 11.54 4.80 -14.44
C GLN B 210 12.68 4.78 -13.43
N ARG B 211 13.76 5.53 -13.67
CA ARG B 211 14.96 5.38 -12.86
C ARG B 211 14.76 5.87 -11.42
N LYS B 212 13.85 6.81 -11.20
CA LYS B 212 13.66 7.37 -9.86
C LYS B 212 13.29 6.29 -8.86
N VAL B 213 12.32 5.43 -9.21
CA VAL B 213 11.92 4.37 -8.31
C VAL B 213 12.98 3.28 -8.22
N ASN B 214 13.81 3.14 -9.25
CA ASN B 214 14.89 2.15 -9.17
C ASN B 214 16.04 2.66 -8.31
N MET B 215 16.30 3.98 -8.31
CA MET B 215 17.20 4.55 -7.32
C MET B 215 16.66 4.37 -5.91
N LEU B 216 15.33 4.42 -5.75
CA LEU B 216 14.73 4.22 -4.45
C LEU B 216 15.05 2.82 -3.91
N ALA B 217 14.89 1.80 -4.75
CA ALA B 217 15.15 0.43 -4.34
C ALA B 217 16.59 0.26 -3.85
N ARG B 218 17.55 0.92 -4.51
CA ARG B 218 18.92 0.85 -4.04
C ARG B 218 19.08 1.55 -2.71
N GLU B 219 18.41 2.70 -2.52
CA GLU B 219 18.41 3.35 -1.21
C GLU B 219 17.86 2.42 -0.14
N TYR B 220 16.80 1.67 -0.47
CA TYR B 220 16.19 0.74 0.48
C TYR B 220 17.18 -0.33 0.90
N CYS B 221 18.06 -0.77 0.00
CA CYS B 221 19.04 -1.79 0.34
C CYS B 221 20.02 -1.27 1.39
N ASP B 222 20.50 -0.04 1.23
CA ASP B 222 21.39 0.55 2.22
C ASP B 222 20.68 0.80 3.54
N ILE B 223 19.41 1.18 3.50
CA ILE B 223 18.66 1.37 4.74
C ILE B 223 18.55 0.04 5.49
N LYS B 224 18.15 -1.02 4.79
CA LYS B 224 17.97 -2.32 5.42
C LYS B 224 19.24 -3.16 5.45
N LYS B 225 20.38 -2.59 5.05
CA LYS B 225 21.67 -3.28 5.03
C LYS B 225 21.59 -4.55 4.17
N ILE B 226 20.96 -4.42 3.01
CA ILE B 226 20.92 -5.48 2.01
C ILE B 226 22.04 -5.21 1.02
N LYS B 227 22.98 -6.14 0.91
CA LYS B 227 24.12 -5.99 0.02
C LYS B 227 23.84 -6.47 -1.40
N LYS B 228 22.78 -7.24 -1.62
CA LYS B 228 22.38 -7.61 -2.98
C LYS B 228 21.54 -6.47 -3.57
N LYS B 229 22.23 -5.45 -4.06
CA LYS B 229 21.56 -4.31 -4.65
C LYS B 229 21.34 -4.56 -6.14
N PRO B 230 20.18 -4.19 -6.68
CA PRO B 230 19.96 -4.36 -8.12
C PRO B 230 20.78 -3.38 -8.93
N VAL B 231 21.23 -3.84 -10.10
CA VAL B 231 21.90 -2.98 -11.07
C VAL B 231 20.85 -2.36 -11.98
N ILE B 232 20.93 -1.04 -12.18
CA ILE B 232 19.99 -0.31 -13.02
C ILE B 232 20.60 -0.13 -14.40
N LEU B 233 19.93 -0.70 -15.41
CA LEU B 233 20.39 -0.64 -16.80
C LEU B 233 19.29 0.01 -17.62
N CYS B 234 19.29 1.34 -17.63
CA CYS B 234 18.21 2.10 -18.26
C CYS B 234 18.52 2.34 -19.73
N HIS B 235 17.55 2.07 -20.59
CA HIS B 235 17.66 2.38 -22.01
C HIS B 235 17.06 3.76 -22.27
N GLY B 236 17.60 4.44 -23.28
CA GLY B 236 17.11 5.75 -23.61
C GLY B 236 15.70 5.74 -24.14
N MET B 237 15.03 6.88 -24.03
CA MET B 237 13.66 7.02 -24.50
C MET B 237 13.68 7.38 -25.99
N LEU B 238 13.00 6.59 -26.80
CA LEU B 238 12.79 6.90 -28.20
C LEU B 238 11.97 8.18 -28.30
N PRO B 239 12.44 9.21 -28.99
CA PRO B 239 11.70 10.48 -29.03
C PRO B 239 10.46 10.38 -29.90
N GLY B 240 9.60 11.38 -29.74
CA GLY B 240 8.44 11.49 -30.60
C GLY B 240 8.81 11.97 -31.99
N LEU B 241 7.97 11.62 -32.96
CA LEU B 241 8.28 11.93 -34.35
C LEU B 241 8.26 13.43 -34.62
N LEU B 242 7.35 14.15 -33.99
CA LEU B 242 7.29 15.60 -34.17
C LEU B 242 8.43 16.28 -33.43
N GLU B 243 8.74 17.50 -33.86
CA GLU B 243 9.84 18.25 -33.29
C GLU B 243 9.55 18.60 -31.83
N GLY B 244 10.58 18.48 -30.99
CA GLY B 244 10.46 18.82 -29.59
C GLY B 244 9.80 17.77 -28.72
N GLN B 245 9.84 16.51 -29.12
CA GLN B 245 9.21 15.45 -28.36
C GLN B 245 10.23 14.38 -27.95
N ASP B 252 0.25 13.19 -30.52
CA ASP B 252 -0.71 12.22 -30.01
C ASP B 252 -0.55 10.87 -30.69
N GLU B 253 -1.51 10.54 -31.56
CA GLU B 253 -1.46 9.28 -32.28
C GLU B 253 -0.36 9.29 -33.35
N ASN B 254 -0.03 10.47 -33.87
CA ASN B 254 1.03 10.61 -34.86
C ASN B 254 2.38 10.96 -34.25
N SER B 255 2.53 10.80 -32.94
CA SER B 255 3.80 11.09 -32.29
C SER B 255 4.76 9.91 -32.32
N ALA B 256 4.28 8.71 -32.61
CA ALA B 256 5.13 7.53 -32.66
C ALA B 256 4.44 6.45 -33.48
N ILE B 257 5.21 5.45 -33.87
CA ILE B 257 4.70 4.30 -34.60
C ILE B 257 4.31 3.24 -33.58
N PHE B 258 3.20 2.57 -33.82
CA PHE B 258 2.73 1.51 -32.94
C PHE B 258 2.80 0.16 -33.65
N MET B 259 2.79 -0.90 -32.84
CA MET B 259 3.00 -2.25 -33.34
C MET B 259 1.93 -2.69 -34.32
N ASP B 260 0.73 -2.11 -34.26
CA ASP B 260 -0.34 -2.47 -35.17
C ASP B 260 -0.45 -1.55 -36.37
N ASP B 261 0.39 -0.52 -36.47
CA ASP B 261 0.34 0.38 -37.63
C ASP B 261 0.62 -0.41 -38.91
N SER B 262 -0.07 -0.02 -39.98
CA SER B 262 0.07 -0.70 -41.26
C SER B 262 1.26 -0.12 -42.03
N GLU B 263 1.54 -0.71 -43.19
CA GLU B 263 2.63 -0.23 -44.02
C GLU B 263 2.38 1.20 -44.49
N SER B 264 1.11 1.53 -44.78
CA SER B 264 0.76 2.88 -45.17
C SER B 264 0.87 3.84 -43.99
N ASP B 265 0.45 3.41 -42.80
CA ASP B 265 0.51 4.27 -41.63
C ASP B 265 1.94 4.61 -41.26
N VAL B 266 2.85 3.64 -41.36
CA VAL B 266 4.26 3.90 -41.07
C VAL B 266 4.82 4.92 -42.05
N ASN B 267 4.57 4.70 -43.35
CA ASN B 267 5.09 5.61 -44.38
C ASN B 267 4.56 7.03 -44.20
N ARG B 268 3.30 7.19 -43.78
CA ARG B 268 2.75 8.52 -43.58
C ARG B 268 3.36 9.21 -42.37
N LYS B 269 3.52 8.48 -41.26
CA LYS B 269 4.05 9.09 -40.05
C LYS B 269 5.53 9.45 -40.21
N ILE B 270 6.30 8.58 -40.87
CA ILE B 270 7.72 8.87 -41.07
C ILE B 270 7.90 10.03 -42.04
N LYS B 271 7.00 10.15 -43.03
CA LYS B 271 7.16 11.17 -44.06
C LYS B 271 7.07 12.57 -43.48
N LYS B 272 6.15 12.80 -42.54
CA LYS B 272 5.99 14.09 -41.91
C LYS B 272 6.78 14.22 -40.61
N ALA B 273 7.61 13.24 -40.27
CA ALA B 273 8.38 13.31 -39.04
C ALA B 273 9.51 14.32 -39.18
N TYR B 274 9.98 14.80 -38.02
CA TYR B 274 11.05 15.78 -37.98
C TYR B 274 12.38 15.10 -38.31
N CYS B 275 13.05 15.60 -39.34
CA CYS B 275 14.33 15.05 -39.78
C CYS B 275 15.20 16.20 -40.29
N PRO B 276 15.88 16.90 -39.40
CA PRO B 276 16.69 18.04 -39.82
C PRO B 276 17.92 17.60 -40.59
N PRO B 277 18.25 18.28 -41.70
CA PRO B 277 19.42 17.88 -42.47
C PRO B 277 20.72 18.28 -41.78
N ASN B 278 21.73 17.44 -41.93
CA ASN B 278 23.08 17.62 -41.38
C ASN B 278 23.09 17.71 -39.86
N VAL B 279 21.99 17.38 -39.19
CA VAL B 279 21.90 17.44 -37.74
C VAL B 279 21.31 16.13 -37.25
N ILE B 280 21.87 15.60 -36.17
CA ILE B 280 21.40 14.34 -35.59
C ILE B 280 20.79 14.52 -34.21
N GLU B 281 21.06 15.64 -33.52
CA GLU B 281 20.49 15.83 -32.20
C GLU B 281 18.99 16.06 -32.28
N ASN B 282 18.25 15.42 -31.39
CA ASN B 282 16.79 15.53 -31.32
C ASN B 282 16.11 15.12 -32.63
N ASN B 283 16.79 14.26 -33.41
CA ASN B 283 16.29 13.78 -34.68
C ASN B 283 15.63 12.43 -34.46
N PRO B 284 14.30 12.33 -34.38
CA PRO B 284 13.68 11.02 -34.12
C PRO B 284 13.86 10.03 -35.25
N ILE B 285 13.97 10.50 -36.49
CA ILE B 285 14.21 9.59 -37.60
C ILE B 285 15.57 8.92 -37.45
N TYR B 286 16.61 9.71 -37.19
CA TYR B 286 17.93 9.12 -36.94
C TYR B 286 17.91 8.26 -35.69
N ALA B 287 17.14 8.67 -34.66
CA ALA B 287 17.06 7.86 -33.45
C ALA B 287 16.46 6.49 -33.72
N TYR B 288 15.53 6.40 -34.68
CA TYR B 288 15.01 5.09 -35.07
C TYR B 288 16.09 4.27 -35.77
N ALA B 289 16.89 4.92 -36.62
CA ALA B 289 17.96 4.20 -37.31
C ALA B 289 18.98 3.64 -36.33
N LYS B 290 19.30 4.39 -35.27
CA LYS B 290 20.36 3.97 -34.36
C LYS B 290 19.89 2.92 -33.36
N SER B 291 18.70 3.10 -32.77
CA SER B 291 18.25 2.21 -31.71
C SER B 291 17.47 1.01 -32.21
N ILE B 292 16.80 1.11 -33.35
CA ILE B 292 15.91 0.05 -33.84
C ILE B 292 16.56 -0.68 -35.00
N ILE B 293 16.76 0.02 -36.11
CA ILE B 293 17.09 -0.62 -37.37
C ILE B 293 18.50 -1.19 -37.33
N PHE B 294 19.48 -0.39 -36.92
CA PHE B 294 20.87 -0.86 -36.92
C PHE B 294 21.08 -2.09 -36.03
N PRO B 295 20.64 -2.11 -34.76
CA PRO B 295 20.87 -3.32 -33.95
C PRO B 295 20.10 -4.54 -34.44
N SER B 296 19.04 -4.36 -35.22
CA SER B 296 18.31 -5.50 -35.77
C SER B 296 19.09 -6.20 -36.87
N TYR B 297 19.71 -5.44 -37.78
CA TYR B 297 20.42 -5.99 -38.92
C TYR B 297 21.94 -6.01 -38.75
N ASN B 298 22.47 -5.37 -37.71
CA ASN B 298 23.91 -5.17 -37.52
C ASN B 298 24.54 -4.44 -38.70
N GLU B 299 23.74 -3.65 -39.41
CA GLU B 299 24.18 -2.87 -40.56
C GLU B 299 23.02 -1.97 -40.99
N PHE B 300 23.31 -1.05 -41.89
CA PHE B 300 22.29 -0.19 -42.46
C PHE B 300 22.57 -0.06 -43.96
N ASN B 301 21.72 -0.69 -44.77
CA ASN B 301 21.85 -0.64 -46.23
C ASN B 301 20.98 0.51 -46.74
N LEU B 302 21.61 1.64 -47.04
CA LEU B 302 20.93 2.85 -47.50
C LEU B 302 20.66 2.74 -48.99
N VAL B 303 19.46 2.27 -49.34
CA VAL B 303 19.07 2.24 -50.74
C VAL B 303 18.57 3.63 -51.15
N ARG B 304 18.86 4.03 -52.37
CA ARG B 304 18.46 5.35 -52.84
C ARG B 304 17.78 5.27 -54.21
N LYS B 305 17.98 6.28 -55.04
CA LYS B 305 17.23 6.37 -56.29
C LYS B 305 17.73 5.31 -57.28
N GLU B 306 16.94 5.11 -58.34
CA GLU B 306 17.19 4.03 -59.29
C GLU B 306 18.50 4.22 -60.06
N LYS B 307 19.06 5.43 -60.09
CA LYS B 307 20.29 5.65 -60.83
C LYS B 307 21.12 6.78 -60.24
N ASN B 308 20.54 7.57 -59.33
CA ASN B 308 21.27 8.70 -58.76
C ASN B 308 22.53 8.26 -58.01
N GLY B 309 22.58 7.01 -57.56
CA GLY B 309 23.77 6.50 -56.90
C GLY B 309 23.55 6.20 -55.43
N GLY B 310 22.88 5.09 -55.14
CA GLY B 310 22.58 4.70 -53.77
C GLY B 310 22.97 3.26 -53.52
N ASP B 311 22.15 2.60 -52.70
CA ASP B 311 22.37 1.21 -52.29
C ASP B 311 23.75 1.05 -51.66
N LYS B 312 23.95 1.78 -50.56
CA LYS B 312 25.21 1.79 -49.82
C LYS B 312 24.98 1.23 -48.42
N THR B 313 25.98 0.51 -47.92
CA THR B 313 25.89 -0.20 -46.64
C THR B 313 26.83 0.41 -45.62
N TYR B 314 26.34 0.60 -44.40
CA TYR B 314 27.16 1.00 -43.25
C TYR B 314 27.32 -0.20 -42.32
N TYR B 315 28.24 -0.06 -41.37
CA TYR B 315 28.57 -1.22 -40.54
C TYR B 315 28.65 -0.92 -39.06
N THR B 316 29.09 0.28 -38.67
CA THR B 316 29.14 0.67 -37.27
C THR B 316 28.40 1.99 -37.08
N LEU B 317 28.28 2.40 -35.82
CA LEU B 317 27.52 3.61 -35.50
C LEU B 317 28.32 4.88 -35.77
N GLN B 318 29.66 4.82 -35.64
CA GLN B 318 30.45 6.03 -35.76
C GLN B 318 30.42 6.59 -37.18
N GLU B 319 30.43 5.71 -38.19
CA GLU B 319 30.39 6.18 -39.57
C GLU B 319 29.01 6.66 -39.97
N LEU B 320 27.95 6.23 -39.27
CA LEU B 320 26.63 6.76 -39.53
C LEU B 320 26.53 8.22 -39.08
N GLU B 321 27.13 8.55 -37.94
CA GLU B 321 27.13 9.92 -37.44
C GLU B 321 27.86 10.85 -38.40
N HIS B 322 29.07 10.45 -38.82
CA HIS B 322 29.91 11.34 -39.61
C HIS B 322 29.31 11.67 -40.97
N ASP B 323 28.49 10.78 -41.52
CA ASP B 323 28.00 10.97 -42.88
C ASP B 323 26.67 11.71 -42.96
N TYR B 324 25.85 11.68 -41.91
CA TYR B 324 24.64 12.49 -41.93
C TYR B 324 24.98 13.96 -41.75
N VAL B 325 25.93 14.27 -40.86
CA VAL B 325 26.45 15.63 -40.76
C VAL B 325 27.31 16.00 -41.96
N ASN B 326 27.69 15.03 -42.78
CA ASN B 326 28.49 15.30 -43.97
C ASN B 326 27.62 15.75 -45.14
N GLY B 327 26.35 15.34 -45.16
CA GLY B 327 25.46 15.68 -46.25
C GLY B 327 25.29 14.61 -47.30
N PHE B 328 25.99 13.48 -47.17
CA PHE B 328 25.81 12.37 -48.10
C PHE B 328 24.47 11.67 -47.92
N ILE B 329 23.79 11.91 -46.80
CA ILE B 329 22.50 11.29 -46.51
C ILE B 329 21.44 12.38 -46.57
N HIS B 330 20.63 12.36 -47.63
CA HIS B 330 19.52 13.29 -47.75
C HIS B 330 18.41 12.93 -46.75
N PRO B 331 17.56 13.89 -46.39
CA PRO B 331 16.49 13.56 -45.42
C PRO B 331 15.47 12.59 -45.99
N LEU B 332 15.03 12.81 -47.23
CA LEU B 332 14.07 11.88 -47.84
C LEU B 332 14.64 10.47 -47.94
N ASP B 333 15.96 10.34 -48.12
CA ASP B 333 16.55 9.01 -48.22
C ASP B 333 16.62 8.32 -46.86
N LEU B 334 17.02 9.07 -45.82
CA LEU B 334 17.04 8.50 -44.48
C LEU B 334 15.62 8.13 -44.02
N LYS B 335 14.64 9.00 -44.30
CA LYS B 335 13.27 8.72 -43.90
C LYS B 335 12.70 7.52 -44.64
N ASP B 336 12.91 7.46 -45.96
CA ASP B 336 12.38 6.33 -46.72
C ASP B 336 13.06 5.02 -46.35
N ASN B 337 14.35 5.06 -46.01
CA ASN B 337 15.02 3.86 -45.51
C ASN B 337 14.49 3.48 -44.12
N VAL B 338 14.30 4.47 -43.25
CA VAL B 338 13.77 4.16 -41.92
C VAL B 338 12.37 3.59 -42.04
N ALA B 339 11.50 4.27 -42.79
CA ALA B 339 10.13 3.78 -42.98
C ALA B 339 10.10 2.38 -43.58
N MET B 340 11.01 2.08 -44.50
CA MET B 340 11.02 0.76 -45.12
C MET B 340 11.47 -0.32 -44.14
N TYR B 341 12.51 -0.05 -43.36
CA TYR B 341 13.00 -1.05 -42.42
C TYR B 341 12.04 -1.24 -41.25
N ILE B 342 11.34 -0.18 -40.84
CA ILE B 342 10.32 -0.34 -39.81
C ILE B 342 9.20 -1.24 -40.30
N ASN B 343 8.87 -1.14 -41.60
CA ASN B 343 7.82 -1.99 -42.14
C ASN B 343 8.26 -3.44 -42.24
N LYS B 344 9.54 -3.68 -42.54
CA LYS B 344 10.04 -5.05 -42.59
C LYS B 344 9.99 -5.71 -41.21
N LEU B 345 10.41 -4.98 -40.18
CA LEU B 345 10.43 -5.55 -38.84
C LEU B 345 9.02 -5.75 -38.28
N LEU B 346 8.07 -4.92 -38.71
CA LEU B 346 6.69 -5.05 -38.27
C LEU B 346 5.90 -6.11 -39.04
N GLN B 347 6.47 -6.68 -40.10
CA GLN B 347 5.69 -7.57 -40.95
C GLN B 347 5.41 -8.91 -40.27
N PRO B 348 6.38 -9.51 -39.56
CA PRO B 348 6.04 -10.68 -38.73
C PRO B 348 4.87 -10.46 -37.79
N VAL B 349 4.73 -9.27 -37.22
CA VAL B 349 3.62 -8.97 -36.33
C VAL B 349 2.32 -8.86 -37.11
N ARG B 350 2.35 -8.16 -38.25
CA ARG B 350 1.15 -8.03 -39.07
C ARG B 350 0.71 -9.37 -39.62
N ASP B 351 1.67 -10.22 -39.99
CA ASP B 351 1.34 -11.55 -40.51
C ASP B 351 0.69 -12.42 -39.44
N HIS B 352 1.18 -12.31 -38.20
CA HIS B 352 0.57 -13.08 -37.12
C HIS B 352 -0.86 -12.66 -36.87
N PHE B 353 -1.12 -11.35 -36.84
CA PHE B 353 -2.46 -10.83 -36.63
C PHE B 353 -3.32 -10.88 -37.90
N GLN B 354 -2.84 -11.56 -38.94
CA GLN B 354 -3.62 -11.78 -40.15
C GLN B 354 -4.00 -13.24 -40.34
N ASN B 355 -3.06 -14.16 -40.11
CA ASN B 355 -3.33 -15.58 -40.30
C ASN B 355 -3.95 -16.19 -39.06
N ASN B 356 -3.38 -15.91 -37.89
CA ASN B 356 -3.91 -16.41 -36.63
C ASN B 356 -5.22 -15.70 -36.36
N ILE B 357 -6.33 -16.39 -36.61
CA ILE B 357 -7.64 -15.74 -36.56
C ILE B 357 -8.00 -15.31 -35.15
N GLU B 358 -7.58 -16.07 -34.14
CA GLU B 358 -7.90 -15.71 -32.76
C GLU B 358 -7.20 -14.42 -32.34
N ALA B 359 -5.97 -14.19 -32.80
CA ALA B 359 -5.31 -12.95 -32.46
C ALA B 359 -5.89 -11.78 -33.24
N LYS B 360 -6.40 -12.03 -34.44
CA LYS B 360 -6.99 -10.97 -35.25
C LYS B 360 -8.23 -10.39 -34.55
N ASN B 361 -9.12 -11.26 -34.07
CA ASN B 361 -10.29 -10.76 -33.35
C ASN B 361 -9.89 -10.13 -32.03
N LEU B 362 -8.79 -10.59 -31.42
CA LEU B 362 -8.29 -9.96 -30.20
C LEU B 362 -7.82 -8.53 -30.47
N LEU B 363 -7.11 -8.32 -31.58
CA LEU B 363 -6.67 -6.98 -31.95
C LEU B 363 -7.88 -6.08 -32.23
N ASN B 364 -8.87 -6.60 -32.94
CA ASN B 364 -10.07 -5.81 -33.22
C ASN B 364 -10.86 -5.51 -31.95
N GLU B 365 -10.74 -6.38 -30.94
CA GLU B 365 -11.47 -6.17 -29.70
C GLU B 365 -10.86 -5.06 -28.87
N ILE B 366 -9.52 -5.05 -28.75
CA ILE B 366 -8.85 -4.03 -27.94
C ILE B 366 -8.77 -2.69 -28.67
N LYS B 367 -8.92 -2.66 -29.99
CA LYS B 367 -8.91 -1.40 -30.71
C LYS B 367 -10.21 -0.61 -30.51
N LYS B 368 -11.28 -1.26 -30.08
CA LYS B 368 -12.52 -0.56 -29.78
C LYS B 368 -12.53 0.06 -28.40
N TYR B 369 -11.47 -0.10 -27.61
CA TYR B 369 -11.43 0.47 -26.28
C TYR B 369 -11.11 1.96 -26.33
N LYS B 370 -11.51 2.65 -25.26
CA LYS B 370 -11.30 4.09 -25.13
C LYS B 370 -10.08 4.33 -24.25
N VAL B 371 -9.07 5.00 -24.82
CA VAL B 371 -7.81 5.21 -24.12
C VAL B 371 -7.99 6.28 -23.04
N THR B 372 -7.69 5.92 -21.80
CA THR B 372 -7.79 6.85 -20.68
C THR B 372 -6.40 7.25 -20.17
#